data_3CWA
#
_entry.id   3CWA
#
_cell.length_a   75.428
_cell.length_b   101.427
_cell.length_c   102.569
_cell.angle_alpha   90.00
_cell.angle_beta   94.31
_cell.angle_gamma   90.00
#
_symmetry.space_group_name_H-M   'P 1 21 1'
#
loop_
_entity.id
_entity.type
_entity.pdbx_description
1 polymer 'DNA-3-methyladenine glycosylase 2'
2 polymer "DNA (5'-D(*(8OG)P*DAP*DCP*DAP*DTP*DGP*DAP*DGP*DTP*DGP*DCP*DC)-3')"
3 polymer "DNA (5'-D(*DGP*DGP*DCP*DAP*DCP*DTP*DCP*DAP*DTP*DGP*DTP*DC)-3')"
4 water water
#
loop_
_entity_poly.entity_id
_entity_poly.type
_entity_poly.pdbx_seq_one_letter_code
_entity_poly.pdbx_strand_id
1 'polypeptide(L)'
;MYTLNWQPPYDWSWMLGFLAARAVSSVETVADSYYARSLAVGEYRGVVTAIPDIARHTLHINLSAGLEPVAAECLAKMSR
LFDLQCNPQIVNGALGRLGAARPGLRLPGCVDAFEQGVRAILGQLVSVAMAAKLTARVAQLYGERLDDFPEYICFPTPQR
LAAADPQALKALGMPLKRAEALIHLANAALEGTLPMTIPGDVEQAMKTLQTFPGIGRWTANYFALRGWQAKDVFLPDDYL
IKQRFPGMTPAQIRRYAERWKPWRSYALLHIWYTEGWQPDEA
;
A,B,C,D
2 'polydeoxyribonucleotide' (8OG)(DA)(DC)(DA)(DT)(DG)(DA)(DG)(DT)(DG)(DC)(DC) E,G
3 'polydeoxyribonucleotide' (DG)(DG)(DC)(DA)(DC)(DT)(DC)(DA)(DT)(DG)(DT)(DC) F,H
#
# COMPACT_ATOMS: atom_id res chain seq x y z
N MET A 1 -25.71 -0.92 -43.47
CA MET A 1 -24.69 -1.89 -43.98
C MET A 1 -24.62 -3.16 -43.15
N TYR A 2 -23.98 -3.11 -42.00
CA TYR A 2 -23.90 -4.30 -41.15
C TYR A 2 -25.27 -4.46 -40.54
N THR A 3 -25.60 -5.65 -40.08
CA THR A 3 -26.93 -5.85 -39.52
C THR A 3 -26.97 -6.79 -38.31
N LEU A 4 -27.61 -6.35 -37.23
CA LEU A 4 -27.73 -7.15 -36.00
C LEU A 4 -29.18 -7.39 -35.61
N ASN A 5 -29.48 -8.53 -34.99
CA ASN A 5 -30.85 -8.83 -34.57
C ASN A 5 -31.16 -8.50 -33.11
N TRP A 6 -32.44 -8.48 -32.76
CA TRP A 6 -32.89 -8.26 -31.40
C TRP A 6 -34.19 -9.02 -31.23
N GLN A 7 -34.55 -9.32 -29.99
CA GLN A 7 -35.78 -10.04 -29.73
C GLN A 7 -36.86 -9.08 -29.27
N PRO A 8 -38.04 -9.11 -29.93
CA PRO A 8 -39.17 -8.24 -29.60
C PRO A 8 -39.69 -8.58 -28.21
N PRO A 9 -40.27 -7.59 -27.51
CA PRO A 9 -40.41 -6.19 -27.97
C PRO A 9 -39.22 -5.33 -27.59
N TYR A 10 -39.06 -4.20 -28.29
CA TYR A 10 -37.97 -3.28 -28.02
C TYR A 10 -38.55 -1.88 -28.18
N ASP A 11 -38.57 -1.14 -27.08
CA ASP A 11 -39.11 0.21 -27.06
C ASP A 11 -38.04 1.19 -27.52
N TRP A 12 -37.85 1.28 -28.84
CA TRP A 12 -36.86 2.19 -29.43
C TRP A 12 -37.08 3.67 -29.17
N SER A 13 -38.33 4.09 -28.96
CA SER A 13 -38.56 5.50 -28.68
C SER A 13 -38.07 5.83 -27.29
N TRP A 14 -38.33 4.93 -26.35
CA TRP A 14 -37.88 5.11 -24.97
C TRP A 14 -36.36 5.22 -24.93
N MET A 15 -35.69 4.27 -25.59
CA MET A 15 -34.22 4.24 -25.65
C MET A 15 -33.62 5.48 -26.30
N LEU A 16 -34.12 5.81 -27.48
CA LEU A 16 -33.62 6.98 -28.18
C LEU A 16 -33.86 8.23 -27.34
N GLY A 17 -35.02 8.30 -26.70
CA GLY A 17 -35.34 9.44 -25.85
C GLY A 17 -34.35 9.51 -24.68
N PHE A 18 -34.06 8.36 -24.10
CA PHE A 18 -33.12 8.29 -22.97
C PHE A 18 -31.73 8.79 -23.40
N LEU A 19 -31.26 8.36 -24.56
CA LEU A 19 -29.94 8.78 -25.03
C LEU A 19 -29.92 10.25 -25.38
N ALA A 20 -31.00 10.70 -26.01
CA ALA A 20 -31.13 12.09 -26.41
C ALA A 20 -30.99 13.04 -25.22
N ALA A 21 -31.60 12.68 -24.09
CA ALA A 21 -31.53 13.54 -22.92
C ALA A 21 -30.11 13.73 -22.38
N ARG A 22 -29.25 12.75 -22.63
CA ARG A 22 -27.89 12.80 -22.14
C ARG A 22 -26.88 13.04 -23.24
N ALA A 23 -27.35 13.06 -24.48
CA ALA A 23 -26.50 13.27 -25.64
C ALA A 23 -25.52 14.44 -25.49
N VAL A 24 -24.31 14.23 -25.99
CA VAL A 24 -23.28 15.24 -25.91
C VAL A 24 -23.02 15.88 -27.26
N SER A 25 -23.16 17.20 -27.28
CA SER A 25 -22.97 18.04 -28.46
C SER A 25 -21.64 17.81 -29.14
N SER A 26 -21.70 17.55 -30.45
CA SER A 26 -20.53 17.31 -31.28
C SER A 26 -20.11 15.85 -31.22
N VAL A 27 -20.53 15.16 -30.17
CA VAL A 27 -20.18 13.75 -30.03
C VAL A 27 -21.30 12.84 -30.60
N GLU A 28 -22.52 13.00 -30.12
CA GLU A 28 -23.61 12.17 -30.59
C GLU A 28 -24.72 12.98 -31.28
N THR A 29 -25.50 12.27 -32.09
CA THR A 29 -26.65 12.86 -32.76
C THR A 29 -27.77 11.85 -32.64
N VAL A 30 -28.84 12.26 -31.97
CA VAL A 30 -29.99 11.38 -31.75
C VAL A 30 -31.26 11.92 -32.43
N ALA A 31 -31.95 11.03 -33.13
CA ALA A 31 -33.19 11.35 -33.82
C ALA A 31 -34.22 10.28 -33.47
N ASP A 32 -35.44 10.39 -33.99
CA ASP A 32 -36.47 9.42 -33.67
C ASP A 32 -36.31 8.09 -34.40
N SER A 33 -35.53 8.08 -35.47
CA SER A 33 -35.35 6.86 -36.24
C SER A 33 -33.90 6.36 -36.24
N TYR A 34 -32.97 7.16 -35.73
CA TYR A 34 -31.58 6.72 -35.68
C TYR A 34 -30.72 7.40 -34.63
N TYR A 35 -29.55 6.80 -34.44
CA TYR A 35 -28.54 7.27 -33.50
C TYR A 35 -27.22 7.28 -34.26
N ALA A 36 -26.39 8.29 -34.03
CA ALA A 36 -25.10 8.38 -34.69
C ALA A 36 -24.11 9.11 -33.79
N ARG A 37 -22.85 8.71 -33.86
CA ARG A 37 -21.83 9.36 -33.03
C ARG A 37 -20.43 9.04 -33.49
N SER A 38 -19.49 9.78 -32.93
CA SER A 38 -18.08 9.59 -33.22
C SER A 38 -17.70 8.31 -32.46
N LEU A 39 -16.60 7.70 -32.85
CA LEU A 39 -16.18 6.47 -32.20
C LEU A 39 -14.71 6.22 -32.45
N ALA A 40 -13.98 5.98 -31.38
CA ALA A 40 -12.55 5.70 -31.50
C ALA A 40 -12.26 4.31 -30.96
N VAL A 41 -11.57 3.51 -31.76
CA VAL A 41 -11.16 2.19 -31.33
C VAL A 41 -9.67 2.19 -31.60
N GLY A 42 -8.89 2.51 -30.58
CA GLY A 42 -7.45 2.59 -30.75
C GLY A 42 -7.15 3.82 -31.57
N GLU A 43 -6.36 3.65 -32.63
CA GLU A 43 -6.00 4.78 -33.48
C GLU A 43 -6.95 4.84 -34.68
N TYR A 44 -8.01 4.04 -34.63
CA TYR A 44 -9.01 4.01 -35.70
C TYR A 44 -10.11 4.96 -35.28
N ARG A 45 -10.63 5.74 -36.23
CA ARG A 45 -11.67 6.70 -35.92
C ARG A 45 -12.70 6.89 -37.02
N GLY A 46 -13.92 7.25 -36.62
CA GLY A 46 -14.97 7.46 -37.58
C GLY A 46 -16.33 7.76 -36.97
N VAL A 47 -17.37 7.58 -37.77
CA VAL A 47 -18.73 7.83 -37.33
C VAL A 47 -19.54 6.56 -37.50
N VAL A 48 -20.34 6.25 -36.48
CA VAL A 48 -21.20 5.08 -36.51
C VAL A 48 -22.62 5.61 -36.57
N THR A 49 -23.45 4.97 -37.39
CA THR A 49 -24.85 5.37 -37.52
C THR A 49 -25.70 4.14 -37.34
N ALA A 50 -26.54 4.14 -36.30
CA ALA A 50 -27.41 3.00 -36.02
C ALA A 50 -28.85 3.30 -36.43
N ILE A 51 -29.39 2.44 -37.28
CA ILE A 51 -30.76 2.63 -37.77
C ILE A 51 -31.61 1.42 -37.51
N PRO A 52 -32.56 1.50 -36.56
CA PRO A 52 -33.39 0.35 -36.28
C PRO A 52 -34.45 0.09 -37.35
N ASP A 53 -34.82 -1.17 -37.51
CA ASP A 53 -35.82 -1.59 -38.48
C ASP A 53 -36.80 -2.42 -37.64
N ILE A 54 -37.89 -1.77 -37.26
CA ILE A 54 -38.92 -2.38 -36.42
C ILE A 54 -39.59 -3.63 -36.96
N ALA A 55 -40.12 -3.53 -38.17
CA ALA A 55 -40.82 -4.63 -38.80
C ALA A 55 -39.95 -5.87 -38.90
N ARG A 56 -38.66 -5.66 -39.08
CA ARG A 56 -37.73 -6.76 -39.25
C ARG A 56 -36.94 -7.10 -37.98
N HIS A 57 -37.21 -6.37 -36.90
CA HIS A 57 -36.50 -6.52 -35.62
C HIS A 57 -35.01 -6.74 -35.84
N THR A 58 -34.42 -5.75 -36.51
CA THR A 58 -33.01 -5.72 -36.85
C THR A 58 -32.48 -4.28 -36.70
N LEU A 59 -31.17 -4.17 -36.49
CA LEU A 59 -30.53 -2.87 -36.37
C LEU A 59 -29.44 -2.80 -37.43
N HIS A 60 -29.53 -1.81 -38.31
CA HIS A 60 -28.54 -1.64 -39.37
C HIS A 60 -27.46 -0.68 -38.87
N ILE A 61 -26.20 -1.08 -39.00
CA ILE A 61 -25.10 -0.23 -38.54
C ILE A 61 -24.23 0.15 -39.72
N ASN A 62 -23.93 1.44 -39.86
CA ASN A 62 -23.04 1.90 -40.93
C ASN A 62 -21.79 2.51 -40.30
N LEU A 63 -20.64 2.24 -40.90
CA LEU A 63 -19.39 2.78 -40.39
C LEU A 63 -18.64 3.61 -41.42
N SER A 64 -18.12 4.76 -41.02
CA SER A 64 -17.36 5.59 -41.94
C SER A 64 -16.09 4.75 -42.17
N ALA A 65 -15.48 4.92 -43.33
CA ALA A 65 -14.28 4.19 -43.73
C ALA A 65 -13.17 3.99 -42.71
N GLY A 66 -12.98 4.96 -41.82
CA GLY A 66 -11.90 4.82 -40.85
C GLY A 66 -12.12 3.76 -39.79
N LEU A 67 -13.36 3.27 -39.65
CA LEU A 67 -13.67 2.26 -38.64
C LEU A 67 -13.78 0.84 -39.18
N GLU A 68 -13.72 0.72 -40.50
CA GLU A 68 -13.84 -0.59 -41.15
C GLU A 68 -12.85 -1.65 -40.68
N PRO A 69 -11.58 -1.27 -40.41
CA PRO A 69 -10.65 -2.30 -39.96
C PRO A 69 -11.06 -2.97 -38.64
N VAL A 70 -11.79 -2.24 -37.81
CA VAL A 70 -12.27 -2.78 -36.55
C VAL A 70 -13.79 -2.83 -36.53
N ALA A 71 -14.37 -3.21 -37.66
CA ALA A 71 -15.82 -3.28 -37.78
C ALA A 71 -16.49 -4.03 -36.63
N ALA A 72 -16.10 -5.29 -36.46
CA ALA A 72 -16.69 -6.15 -35.43
C ALA A 72 -16.64 -5.60 -34.01
N GLU A 73 -15.63 -4.80 -33.69
CA GLU A 73 -15.55 -4.23 -32.36
C GLU A 73 -16.62 -3.14 -32.26
N CYS A 74 -16.76 -2.36 -33.34
CA CYS A 74 -17.77 -1.32 -33.35
C CYS A 74 -19.15 -1.93 -33.15
N LEU A 75 -19.43 -3.02 -33.86
CA LEU A 75 -20.70 -3.71 -33.75
C LEU A 75 -20.91 -4.15 -32.31
N ALA A 76 -19.87 -4.71 -31.71
CA ALA A 76 -19.92 -5.19 -30.35
C ALA A 76 -20.23 -4.05 -29.37
N LYS A 77 -19.64 -2.88 -29.63
CA LYS A 77 -19.88 -1.76 -28.75
C LYS A 77 -21.32 -1.28 -28.91
N MET A 78 -21.82 -1.37 -30.15
CA MET A 78 -23.17 -0.93 -30.44
C MET A 78 -24.18 -1.85 -29.76
N SER A 79 -23.93 -3.15 -29.80
CA SER A 79 -24.86 -4.09 -29.18
C SER A 79 -24.89 -3.96 -27.68
N ARG A 80 -23.80 -3.48 -27.10
CA ARG A 80 -23.76 -3.30 -25.65
C ARG A 80 -24.55 -2.04 -25.31
N LEU A 81 -24.43 -1.03 -26.15
CA LEU A 81 -25.12 0.22 -25.94
C LEU A 81 -26.62 -0.04 -25.96
N PHE A 82 -27.06 -0.82 -26.93
CA PHE A 82 -28.47 -1.08 -27.10
C PHE A 82 -29.06 -2.32 -26.44
N ASP A 83 -28.24 -3.05 -25.71
CA ASP A 83 -28.73 -4.21 -24.99
C ASP A 83 -29.45 -5.20 -25.93
N LEU A 84 -28.85 -5.47 -27.08
CA LEU A 84 -29.43 -6.39 -28.04
C LEU A 84 -29.54 -7.79 -27.48
N GLN A 85 -28.79 -8.09 -26.43
CA GLN A 85 -28.81 -9.43 -25.82
C GLN A 85 -30.08 -9.75 -25.05
N CYS A 86 -30.75 -8.72 -24.54
CA CYS A 86 -31.94 -8.91 -23.73
C CYS A 86 -33.07 -9.75 -24.30
N ASN A 87 -33.61 -10.62 -23.46
CA ASN A 87 -34.73 -11.45 -23.79
C ASN A 87 -35.82 -10.81 -22.94
N PRO A 88 -36.67 -9.97 -23.54
CA PRO A 88 -37.70 -9.37 -22.68
C PRO A 88 -38.61 -10.37 -21.95
N GLN A 89 -38.90 -11.51 -22.58
CA GLN A 89 -39.76 -12.50 -21.96
C GLN A 89 -39.20 -12.95 -20.60
N ILE A 90 -37.90 -13.16 -20.53
CA ILE A 90 -37.28 -13.60 -19.28
C ILE A 90 -37.40 -12.54 -18.20
N VAL A 91 -37.00 -11.32 -18.53
CA VAL A 91 -37.03 -10.23 -17.57
C VAL A 91 -38.45 -9.84 -17.15
N ASN A 92 -39.32 -9.62 -18.12
CA ASN A 92 -40.68 -9.23 -17.80
C ASN A 92 -41.41 -10.30 -16.98
N GLY A 93 -41.21 -11.57 -17.31
CA GLY A 93 -41.87 -12.62 -16.57
C GLY A 93 -41.34 -12.72 -15.14
N ALA A 94 -40.27 -11.98 -14.89
CA ALA A 94 -39.65 -11.97 -13.58
C ALA A 94 -40.07 -10.74 -12.78
N LEU A 95 -40.08 -9.58 -13.43
CA LEU A 95 -40.46 -8.34 -12.78
C LEU A 95 -41.96 -8.17 -12.64
N GLY A 96 -42.70 -9.01 -13.36
CA GLY A 96 -44.15 -8.95 -13.29
C GLY A 96 -44.70 -7.57 -13.59
N ARG A 97 -45.60 -7.14 -12.72
CA ARG A 97 -46.28 -5.85 -12.84
C ARG A 97 -45.39 -4.65 -13.14
N LEU A 98 -44.29 -4.54 -12.40
CA LEU A 98 -43.38 -3.42 -12.58
C LEU A 98 -43.00 -3.12 -14.05
N GLY A 99 -42.88 -4.17 -14.86
CA GLY A 99 -42.50 -4.00 -16.25
C GLY A 99 -43.61 -4.06 -17.29
N ALA A 100 -44.77 -4.55 -16.89
CA ALA A 100 -45.92 -4.67 -17.78
C ALA A 100 -46.23 -3.41 -18.59
N ALA A 101 -45.90 -2.25 -18.04
CA ALA A 101 -46.17 -0.99 -18.74
C ALA A 101 -45.21 -0.67 -19.90
N ARG A 102 -43.93 -1.04 -19.79
CA ARG A 102 -42.97 -0.79 -20.86
C ARG A 102 -42.11 -2.01 -21.11
N PRO A 103 -42.72 -3.13 -21.53
CA PRO A 103 -42.02 -4.39 -21.82
C PRO A 103 -40.87 -4.32 -22.81
N GLY A 104 -40.75 -3.20 -23.52
CA GLY A 104 -39.67 -3.06 -24.48
C GLY A 104 -38.47 -2.34 -23.88
N LEU A 105 -38.55 -2.06 -22.59
CA LEU A 105 -37.50 -1.39 -21.85
C LEU A 105 -36.19 -2.15 -22.00
N ARG A 106 -35.10 -1.42 -22.25
CA ARG A 106 -33.77 -2.03 -22.38
C ARG A 106 -32.83 -1.23 -21.50
N LEU A 107 -31.67 -1.81 -21.22
CA LEU A 107 -30.67 -1.13 -20.40
C LEU A 107 -29.75 -0.35 -21.31
N PRO A 108 -29.76 0.98 -21.21
CA PRO A 108 -28.86 1.78 -22.05
C PRO A 108 -27.45 1.56 -21.52
N GLY A 109 -26.56 1.03 -22.36
CA GLY A 109 -25.20 0.81 -21.91
C GLY A 109 -24.29 1.95 -22.34
N CYS A 110 -23.10 1.60 -22.79
CA CYS A 110 -22.15 2.59 -23.25
C CYS A 110 -21.36 1.95 -24.39
N VAL A 111 -20.63 2.78 -25.10
CA VAL A 111 -19.82 2.32 -26.20
C VAL A 111 -18.37 2.16 -25.70
N ASP A 112 -18.09 2.75 -24.53
CA ASP A 112 -16.76 2.68 -23.92
C ASP A 112 -16.78 2.95 -22.41
N ALA A 113 -16.30 1.99 -21.62
CA ALA A 113 -16.30 2.13 -20.18
C ALA A 113 -15.60 3.38 -19.63
N PHE A 114 -14.51 3.82 -20.25
CA PHE A 114 -13.83 5.01 -19.74
C PHE A 114 -14.76 6.22 -19.87
N GLU A 115 -15.35 6.37 -21.05
CA GLU A 115 -16.27 7.46 -21.31
C GLU A 115 -17.39 7.46 -20.29
N GLN A 116 -17.99 6.30 -20.07
CA GLN A 116 -19.10 6.18 -19.13
C GLN A 116 -18.62 6.59 -17.74
N GLY A 117 -17.39 6.21 -17.42
CA GLY A 117 -16.82 6.56 -16.12
C GLY A 117 -16.73 8.08 -15.99
N VAL A 118 -16.35 8.74 -17.08
CA VAL A 118 -16.28 10.20 -17.06
C VAL A 118 -17.70 10.76 -16.93
N ARG A 119 -18.64 10.21 -17.70
CA ARG A 119 -20.03 10.65 -17.65
C ARG A 119 -20.63 10.54 -16.26
N ALA A 120 -20.44 9.39 -15.62
CA ALA A 120 -20.95 9.14 -14.26
C ALA A 120 -20.44 10.18 -13.25
N ILE A 121 -19.13 10.41 -13.23
CA ILE A 121 -18.53 11.38 -12.31
C ILE A 121 -19.16 12.76 -12.49
N LEU A 122 -19.16 13.25 -13.73
CA LEU A 122 -19.72 14.56 -14.06
C LEU A 122 -21.21 14.62 -13.82
N GLY A 123 -21.83 13.46 -13.61
CA GLY A 123 -23.25 13.43 -13.35
C GLY A 123 -23.57 13.55 -11.88
N GLN A 124 -22.53 13.65 -11.07
CA GLN A 124 -22.70 13.75 -9.62
C GLN A 124 -23.37 15.05 -9.16
N LEU A 125 -24.38 14.91 -8.31
CA LEU A 125 -25.06 16.07 -7.75
C LEU A 125 -25.97 16.85 -8.72
N VAL A 126 -25.43 17.23 -9.88
CA VAL A 126 -26.16 18.01 -10.88
C VAL A 126 -27.34 17.31 -11.57
N SER A 127 -27.94 18.04 -12.50
CA SER A 127 -29.09 17.52 -13.26
C SER A 127 -28.56 16.79 -14.46
N VAL A 128 -29.39 15.89 -15.00
CA VAL A 128 -29.02 15.13 -16.18
C VAL A 128 -28.58 16.08 -17.28
N ALA A 129 -29.40 17.09 -17.55
CA ALA A 129 -29.10 18.07 -18.60
C ALA A 129 -27.83 18.86 -18.28
N MET A 130 -27.62 19.15 -17.01
CA MET A 130 -26.43 19.90 -16.60
C MET A 130 -25.16 19.06 -16.76
N ALA A 131 -25.28 17.74 -16.64
CA ALA A 131 -24.12 16.86 -16.81
C ALA A 131 -23.75 16.79 -18.29
N ALA A 132 -24.77 16.71 -19.14
CA ALA A 132 -24.53 16.67 -20.58
C ALA A 132 -23.86 17.98 -21.00
N LYS A 133 -24.24 19.05 -20.32
CA LYS A 133 -23.69 20.37 -20.58
C LYS A 133 -22.22 20.33 -20.22
N LEU A 134 -21.94 19.88 -19.00
CA LEU A 134 -20.58 19.77 -18.50
C LEU A 134 -19.75 18.82 -19.36
N THR A 135 -20.30 17.66 -19.66
CA THR A 135 -19.58 16.69 -20.48
C THR A 135 -19.27 17.30 -21.84
N ALA A 136 -20.19 18.11 -22.35
CA ALA A 136 -19.99 18.74 -23.66
C ALA A 136 -18.81 19.71 -23.66
N ARG A 137 -18.64 20.42 -22.55
CA ARG A 137 -17.54 21.37 -22.44
C ARG A 137 -16.20 20.66 -22.26
N VAL A 138 -16.24 19.46 -21.70
CA VAL A 138 -15.02 18.69 -21.49
C VAL A 138 -14.59 18.06 -22.80
N ALA A 139 -15.58 17.65 -23.60
CA ALA A 139 -15.26 17.03 -24.88
C ALA A 139 -14.71 18.11 -25.79
N GLN A 140 -15.34 19.27 -25.76
CA GLN A 140 -14.93 20.37 -26.61
C GLN A 140 -13.47 20.76 -26.40
N LEU A 141 -13.08 20.88 -25.14
CA LEU A 141 -11.72 21.28 -24.79
C LEU A 141 -10.66 20.19 -24.89
N TYR A 142 -11.06 18.93 -24.73
CA TYR A 142 -10.09 17.84 -24.77
C TYR A 142 -10.28 16.78 -25.85
N GLY A 143 -11.39 16.84 -26.58
CA GLY A 143 -11.60 15.85 -27.62
C GLY A 143 -10.89 16.17 -28.92
N GLU A 144 -10.89 15.21 -29.84
CA GLU A 144 -10.24 15.39 -31.15
C GLU A 144 -11.31 15.42 -32.23
N ARG A 145 -11.17 16.34 -33.18
CA ARG A 145 -12.14 16.42 -34.27
C ARG A 145 -11.81 15.38 -35.33
N LEU A 146 -12.85 14.93 -36.03
CA LEU A 146 -12.67 13.95 -37.09
C LEU A 146 -12.31 14.71 -38.37
N ASP A 147 -11.21 14.32 -39.01
CA ASP A 147 -10.79 14.97 -40.24
C ASP A 147 -11.90 14.84 -41.26
N ASP A 148 -12.46 13.63 -41.36
CA ASP A 148 -13.51 13.32 -42.31
C ASP A 148 -14.87 13.92 -41.94
N PHE A 149 -15.10 14.16 -40.65
CA PHE A 149 -16.37 14.71 -40.21
C PHE A 149 -16.19 15.77 -39.13
N PRO A 150 -15.79 16.99 -39.54
CA PRO A 150 -15.55 18.16 -38.69
C PRO A 150 -16.68 18.50 -37.73
N GLU A 151 -17.92 18.23 -38.12
CA GLU A 151 -19.04 18.51 -37.26
C GLU A 151 -18.96 17.66 -35.99
N TYR A 152 -18.31 16.50 -36.11
CA TYR A 152 -18.15 15.57 -35.00
C TYR A 152 -16.79 15.65 -34.34
N ILE A 153 -16.76 15.30 -33.05
CA ILE A 153 -15.53 15.28 -32.25
C ILE A 153 -15.54 14.01 -31.39
N CYS A 154 -14.37 13.37 -31.25
CA CYS A 154 -14.27 12.16 -30.43
C CYS A 154 -14.23 12.52 -28.96
N PHE A 155 -14.77 11.63 -28.13
CA PHE A 155 -14.77 11.86 -26.69
C PHE A 155 -13.30 11.91 -26.27
N PRO A 156 -12.97 12.77 -25.29
CA PRO A 156 -11.57 12.85 -24.84
C PRO A 156 -10.99 11.49 -24.48
N THR A 157 -9.81 11.18 -25.01
CA THR A 157 -9.15 9.91 -24.73
C THR A 157 -8.53 9.90 -23.33
N PRO A 158 -8.18 8.71 -22.85
CA PRO A 158 -7.56 8.53 -21.53
C PRO A 158 -6.26 9.32 -21.35
N GLN A 159 -5.38 9.27 -22.36
CA GLN A 159 -4.12 10.00 -22.27
C GLN A 159 -4.36 11.51 -22.20
N ARG A 160 -5.18 12.03 -23.10
CA ARG A 160 -5.48 13.46 -23.12
C ARG A 160 -5.95 13.99 -21.76
N LEU A 161 -6.93 13.32 -21.15
CA LEU A 161 -7.45 13.74 -19.85
C LEU A 161 -6.46 13.47 -18.71
N ALA A 162 -5.62 12.45 -18.87
CA ALA A 162 -4.66 12.12 -17.82
C ALA A 162 -3.63 13.24 -17.71
N ALA A 163 -3.45 13.94 -18.84
CA ALA A 163 -2.51 15.03 -18.96
C ALA A 163 -3.24 16.37 -19.09
N ALA A 164 -4.22 16.60 -18.24
CA ALA A 164 -4.96 17.84 -18.26
C ALA A 164 -4.70 18.57 -16.95
N ASP A 165 -4.77 19.90 -17.00
CA ASP A 165 -4.55 20.70 -15.81
C ASP A 165 -5.84 20.74 -15.01
N PRO A 166 -5.77 20.32 -13.73
CA PRO A 166 -6.92 20.29 -12.83
C PRO A 166 -7.67 21.61 -12.83
N GLN A 167 -6.91 22.70 -12.94
CA GLN A 167 -7.49 24.03 -12.94
C GLN A 167 -8.32 24.28 -14.18
N ALA A 168 -7.86 23.76 -15.31
CA ALA A 168 -8.57 23.93 -16.58
C ALA A 168 -9.94 23.26 -16.51
N LEU A 169 -9.97 22.00 -16.06
CA LEU A 169 -11.24 21.28 -15.94
C LEU A 169 -12.14 22.00 -14.96
N LYS A 170 -11.54 22.49 -13.88
CA LYS A 170 -12.29 23.22 -12.86
C LYS A 170 -12.97 24.44 -13.50
N ALA A 171 -12.25 25.09 -14.41
CA ALA A 171 -12.75 26.27 -15.10
C ALA A 171 -13.96 25.97 -15.97
N LEU A 172 -14.21 24.69 -16.26
CA LEU A 172 -15.35 24.32 -17.09
C LEU A 172 -16.63 24.32 -16.28
N GLY A 173 -16.51 24.32 -14.95
CA GLY A 173 -17.70 24.35 -14.11
C GLY A 173 -17.86 23.18 -13.16
N MET A 174 -16.75 22.75 -12.54
CA MET A 174 -16.80 21.64 -11.60
C MET A 174 -15.79 21.89 -10.50
N PRO A 175 -16.03 21.36 -9.30
CA PRO A 175 -15.10 21.55 -8.17
C PRO A 175 -13.72 21.02 -8.56
N LEU A 176 -12.70 21.36 -7.76
CA LEU A 176 -11.36 20.87 -8.05
C LEU A 176 -11.38 19.37 -7.82
N LYS A 177 -12.09 18.94 -6.80
CA LYS A 177 -12.21 17.53 -6.47
C LYS A 177 -12.73 16.68 -7.63
N ARG A 178 -13.76 17.18 -8.32
CA ARG A 178 -14.32 16.44 -9.46
C ARG A 178 -13.28 16.29 -10.56
N ALA A 179 -12.56 17.36 -10.84
CA ALA A 179 -11.54 17.36 -11.88
C ALA A 179 -10.41 16.38 -11.54
N GLU A 180 -10.09 16.27 -10.26
CA GLU A 180 -9.05 15.36 -9.83
C GLU A 180 -9.53 13.92 -9.99
N ALA A 181 -10.82 13.70 -9.72
CA ALA A 181 -11.41 12.39 -9.85
C ALA A 181 -11.33 11.96 -11.32
N LEU A 182 -11.54 12.91 -12.23
CA LEU A 182 -11.48 12.60 -13.67
C LEU A 182 -10.08 12.25 -14.11
N ILE A 183 -9.10 13.03 -13.67
CA ILE A 183 -7.72 12.77 -14.04
C ILE A 183 -7.30 11.38 -13.51
N HIS A 184 -7.60 11.10 -12.25
CA HIS A 184 -7.26 9.82 -11.65
C HIS A 184 -7.80 8.66 -12.49
N LEU A 185 -9.05 8.78 -12.92
CA LEU A 185 -9.73 7.76 -13.72
C LEU A 185 -9.03 7.53 -15.05
N ALA A 186 -8.66 8.61 -15.74
CA ALA A 186 -7.96 8.47 -17.01
C ALA A 186 -6.68 7.65 -16.83
N ASN A 187 -5.99 7.87 -15.71
CA ASN A 187 -4.76 7.13 -15.42
C ASN A 187 -5.07 5.67 -15.17
N ALA A 188 -6.09 5.41 -14.35
CA ALA A 188 -6.48 4.04 -14.04
C ALA A 188 -6.77 3.35 -15.38
N ALA A 189 -7.38 4.10 -16.30
CA ALA A 189 -7.70 3.57 -17.63
C ALA A 189 -6.44 3.28 -18.42
N LEU A 190 -5.45 4.16 -18.30
CA LEU A 190 -4.21 3.97 -19.03
C LEU A 190 -3.44 2.76 -18.51
N GLU A 191 -3.54 2.52 -17.21
CA GLU A 191 -2.84 1.42 -16.57
C GLU A 191 -3.59 0.11 -16.63
N GLY A 192 -4.86 0.16 -17.00
CA GLY A 192 -5.67 -1.05 -17.08
C GLY A 192 -6.26 -1.40 -15.72
N THR A 193 -6.37 -0.40 -14.85
CA THR A 193 -6.91 -0.59 -13.50
C THR A 193 -8.42 -0.36 -13.41
N LEU A 194 -9.01 0.21 -14.45
CA LEU A 194 -10.45 0.44 -14.52
C LEU A 194 -11.00 -0.71 -15.37
N PRO A 195 -11.71 -1.67 -14.76
CA PRO A 195 -12.24 -2.77 -15.60
C PRO A 195 -13.00 -2.18 -16.78
N MET A 196 -12.66 -2.60 -17.99
CA MET A 196 -13.31 -2.08 -19.19
C MET A 196 -14.48 -2.93 -19.62
N THR A 197 -14.51 -4.17 -19.17
CA THR A 197 -15.59 -5.08 -19.49
C THR A 197 -16.16 -5.53 -18.16
N ILE A 198 -17.38 -6.04 -18.16
CA ILE A 198 -17.99 -6.46 -16.91
C ILE A 198 -17.19 -7.58 -16.23
N PRO A 199 -16.83 -7.37 -14.95
CA PRO A 199 -16.07 -8.36 -14.18
C PRO A 199 -16.95 -9.46 -13.57
N GLY A 200 -16.36 -10.63 -13.33
CA GLY A 200 -17.10 -11.75 -12.76
C GLY A 200 -17.73 -11.51 -11.39
N ASP A 201 -17.09 -10.69 -10.57
CA ASP A 201 -17.60 -10.37 -9.23
C ASP A 201 -17.83 -8.86 -9.21
N VAL A 202 -18.99 -8.45 -9.72
CA VAL A 202 -19.33 -7.04 -9.80
C VAL A 202 -19.32 -6.34 -8.45
N GLU A 203 -19.75 -7.05 -7.42
CA GLU A 203 -19.78 -6.50 -6.08
C GLU A 203 -18.37 -6.13 -5.62
N GLN A 204 -17.43 -7.06 -5.81
CA GLN A 204 -16.05 -6.82 -5.40
C GLN A 204 -15.44 -5.69 -6.20
N ALA A 205 -15.67 -5.68 -7.51
CA ALA A 205 -15.10 -4.64 -8.35
C ALA A 205 -15.64 -3.26 -7.95
N MET A 206 -16.93 -3.17 -7.64
CA MET A 206 -17.50 -1.89 -7.26
C MET A 206 -16.89 -1.38 -5.95
N LYS A 207 -16.44 -2.30 -5.11
CA LYS A 207 -15.83 -1.94 -3.85
C LYS A 207 -14.45 -1.34 -4.15
N THR A 208 -13.71 -1.98 -5.06
CA THR A 208 -12.40 -1.50 -5.45
C THR A 208 -12.56 -0.14 -6.14
N LEU A 209 -13.60 -0.04 -6.96
CA LEU A 209 -13.89 1.20 -7.67
C LEU A 209 -14.08 2.37 -6.71
N GLN A 210 -14.68 2.09 -5.55
CA GLN A 210 -14.92 3.11 -4.52
C GLN A 210 -13.67 3.60 -3.81
N THR A 211 -12.52 2.96 -4.03
CA THR A 211 -11.29 3.41 -3.41
C THR A 211 -10.73 4.53 -4.27
N PHE A 212 -11.31 4.70 -5.46
CA PHE A 212 -10.91 5.78 -6.37
C PHE A 212 -11.33 7.12 -5.77
N PRO A 213 -10.49 8.15 -5.88
CA PRO A 213 -10.96 9.40 -5.31
C PRO A 213 -12.09 9.99 -6.18
N GLY A 214 -13.10 10.54 -5.52
CA GLY A 214 -14.22 11.13 -6.23
C GLY A 214 -15.30 10.14 -6.58
N ILE A 215 -15.03 8.86 -6.37
CA ILE A 215 -15.99 7.82 -6.69
C ILE A 215 -16.60 7.14 -5.46
N GLY A 216 -17.82 7.54 -5.11
CA GLY A 216 -18.50 6.94 -3.97
C GLY A 216 -19.38 5.78 -4.42
N ARG A 217 -20.23 5.27 -3.54
CA ARG A 217 -21.08 4.14 -3.87
C ARG A 217 -22.09 4.39 -5.00
N TRP A 218 -22.60 5.62 -5.11
CA TRP A 218 -23.56 5.93 -6.17
C TRP A 218 -22.87 5.83 -7.53
N THR A 219 -21.72 6.49 -7.66
CA THR A 219 -20.96 6.49 -8.90
C THR A 219 -20.52 5.09 -9.31
N ALA A 220 -20.05 4.30 -8.33
CA ALA A 220 -19.61 2.94 -8.61
C ALA A 220 -20.79 2.09 -9.11
N ASN A 221 -21.95 2.25 -8.46
CA ASN A 221 -23.17 1.51 -8.84
C ASN A 221 -23.64 1.93 -10.22
N TYR A 222 -23.80 3.25 -10.43
CA TYR A 222 -24.25 3.76 -11.71
C TYR A 222 -23.28 3.38 -12.81
N PHE A 223 -21.97 3.46 -12.51
CA PHE A 223 -20.96 3.07 -13.51
C PHE A 223 -21.08 1.57 -13.86
N ALA A 224 -21.37 0.73 -12.86
CA ALA A 224 -21.51 -0.69 -13.10
C ALA A 224 -22.69 -0.95 -14.01
N LEU A 225 -23.79 -0.27 -13.72
CA LEU A 225 -25.01 -0.42 -14.49
C LEU A 225 -24.85 -0.03 -15.96
N ARG A 226 -24.28 1.15 -16.19
CA ARG A 226 -24.09 1.68 -17.54
C ARG A 226 -22.78 1.26 -18.21
N GLY A 227 -21.68 1.39 -17.47
CA GLY A 227 -20.36 1.06 -18.00
C GLY A 227 -20.08 -0.41 -18.21
N TRP A 228 -20.72 -1.26 -17.41
CA TRP A 228 -20.53 -2.70 -17.53
C TRP A 228 -21.80 -3.41 -17.98
N GLN A 229 -22.93 -2.70 -17.94
CA GLN A 229 -24.22 -3.26 -18.28
C GLN A 229 -24.53 -4.36 -17.27
N ALA A 230 -24.14 -4.12 -16.02
CA ALA A 230 -24.41 -5.07 -14.95
C ALA A 230 -25.93 -5.05 -14.80
N LYS A 231 -26.54 -6.22 -14.93
CA LYS A 231 -27.99 -6.35 -14.89
C LYS A 231 -28.67 -6.46 -13.53
N ASP A 232 -27.90 -6.67 -12.46
CA ASP A 232 -28.52 -6.84 -11.15
C ASP A 232 -28.06 -5.87 -10.06
N VAL A 233 -28.05 -4.58 -10.38
CA VAL A 233 -27.64 -3.60 -9.39
C VAL A 233 -28.72 -2.53 -9.21
N PHE A 234 -28.90 -2.05 -7.98
CA PHE A 234 -29.89 -1.01 -7.75
C PHE A 234 -29.17 0.26 -7.33
N LEU A 235 -29.87 1.39 -7.33
CA LEU A 235 -29.25 2.66 -6.94
C LEU A 235 -30.03 3.25 -5.78
N PRO A 236 -29.98 2.60 -4.61
CA PRO A 236 -30.68 3.05 -3.40
C PRO A 236 -30.26 4.42 -2.87
N ASP A 237 -29.21 4.99 -3.45
CA ASP A 237 -28.73 6.31 -3.05
C ASP A 237 -29.13 7.37 -4.06
N ASP A 238 -29.66 6.93 -5.19
CA ASP A 238 -30.05 7.85 -6.24
C ASP A 238 -31.03 8.91 -5.75
N TYR A 239 -30.88 10.11 -6.28
CA TYR A 239 -31.75 11.22 -5.90
C TYR A 239 -33.21 10.91 -6.21
N LEU A 240 -33.48 10.57 -7.47
CA LEU A 240 -34.84 10.26 -7.90
C LEU A 240 -35.39 9.01 -7.21
N ILE A 241 -34.52 8.05 -6.89
CA ILE A 241 -34.93 6.82 -6.23
C ILE A 241 -35.39 7.04 -4.79
N LYS A 242 -34.80 8.01 -4.11
CA LYS A 242 -35.20 8.30 -2.74
C LYS A 242 -36.58 8.96 -2.81
N GLN A 243 -36.83 9.61 -3.95
CA GLN A 243 -38.09 10.29 -4.20
C GLN A 243 -39.21 9.33 -4.61
N ARG A 244 -38.85 8.08 -4.87
CA ARG A 244 -39.80 7.05 -5.27
C ARG A 244 -40.10 6.12 -4.09
N PHE A 245 -39.21 6.14 -3.10
CA PHE A 245 -39.38 5.33 -1.90
C PHE A 245 -39.41 6.31 -0.73
N PRO A 246 -40.45 7.18 -0.68
CA PRO A 246 -40.65 8.20 0.34
C PRO A 246 -40.31 7.85 1.79
N GLY A 247 -39.37 8.59 2.35
CA GLY A 247 -38.96 8.39 3.74
C GLY A 247 -38.17 7.14 4.08
N MET A 248 -37.77 6.35 3.08
CA MET A 248 -37.01 5.15 3.35
C MET A 248 -35.50 5.39 3.28
N THR A 249 -34.76 4.64 4.08
CA THR A 249 -33.31 4.76 4.12
C THR A 249 -32.66 3.80 3.14
N PRO A 250 -31.43 4.10 2.71
CA PRO A 250 -30.65 3.28 1.77
C PRO A 250 -30.72 1.76 1.97
N ALA A 251 -30.57 1.30 3.21
CA ALA A 251 -30.60 -0.13 3.48
C ALA A 251 -32.02 -0.71 3.38
N GLN A 252 -33.01 0.17 3.45
CA GLN A 252 -34.40 -0.25 3.33
C GLN A 252 -34.73 -0.42 1.86
N ILE A 253 -34.53 0.64 1.08
CA ILE A 253 -34.76 0.60 -0.35
C ILE A 253 -34.03 -0.61 -0.89
N ARG A 254 -32.80 -0.80 -0.39
CA ARG A 254 -31.96 -1.91 -0.78
C ARG A 254 -32.60 -3.25 -0.44
N ARG A 255 -33.01 -3.44 0.80
CA ARG A 255 -33.62 -4.71 1.18
C ARG A 255 -34.88 -4.94 0.34
N TYR A 256 -35.62 -3.86 0.07
CA TYR A 256 -36.83 -3.94 -0.72
C TYR A 256 -36.48 -4.41 -2.14
N ALA A 257 -35.59 -3.68 -2.79
CA ALA A 257 -35.17 -3.98 -4.16
C ALA A 257 -34.74 -5.42 -4.40
N GLU A 258 -34.47 -6.15 -3.33
CA GLU A 258 -34.02 -7.54 -3.44
C GLU A 258 -35.03 -8.48 -4.05
N ARG A 259 -36.29 -8.09 -4.05
CA ARG A 259 -37.33 -8.93 -4.63
C ARG A 259 -37.20 -9.00 -6.15
N TRP A 260 -36.43 -8.08 -6.73
CA TRP A 260 -36.26 -8.04 -8.17
C TRP A 260 -35.01 -8.74 -8.68
N LYS A 261 -34.34 -9.49 -7.80
CA LYS A 261 -33.14 -10.22 -8.18
C LYS A 261 -33.51 -11.34 -9.16
N PRO A 262 -32.67 -11.61 -10.18
CA PRO A 262 -31.38 -10.98 -10.51
C PRO A 262 -31.46 -9.93 -11.63
N TRP A 263 -32.53 -9.14 -11.65
CA TRP A 263 -32.69 -8.13 -12.68
C TRP A 263 -32.92 -6.76 -12.07
N ARG A 264 -32.20 -6.47 -10.99
CA ARG A 264 -32.38 -5.19 -10.32
C ARG A 264 -32.09 -3.96 -11.16
N SER A 265 -31.24 -4.10 -12.18
CA SER A 265 -30.93 -2.95 -13.01
C SER A 265 -32.13 -2.55 -13.83
N TYR A 266 -32.86 -3.55 -14.31
CA TYR A 266 -34.06 -3.34 -15.10
C TYR A 266 -35.19 -2.79 -14.23
N ALA A 267 -35.31 -3.32 -13.02
CA ALA A 267 -36.32 -2.84 -12.10
C ALA A 267 -36.05 -1.35 -11.83
N LEU A 268 -34.77 -1.02 -11.59
CA LEU A 268 -34.39 0.35 -11.33
C LEU A 268 -34.87 1.27 -12.45
N LEU A 269 -34.58 0.87 -13.69
CA LEU A 269 -34.98 1.65 -14.84
C LEU A 269 -36.49 1.88 -14.92
N HIS A 270 -37.27 0.82 -14.67
CA HIS A 270 -38.73 0.94 -14.71
C HIS A 270 -39.26 1.92 -13.68
N ILE A 271 -38.71 1.85 -12.47
CA ILE A 271 -39.13 2.74 -11.39
C ILE A 271 -38.85 4.21 -11.77
N TRP A 272 -37.65 4.47 -12.30
CA TRP A 272 -37.30 5.83 -12.72
C TRP A 272 -38.35 6.30 -13.72
N TYR A 273 -38.75 5.39 -14.61
CA TYR A 273 -39.70 5.74 -15.65
C TYR A 273 -41.18 5.41 -15.43
N THR A 274 -41.55 5.25 -14.15
CA THR A 274 -42.93 5.00 -13.78
C THR A 274 -43.28 6.26 -13.00
N GLU A 275 -43.88 7.21 -13.69
CA GLU A 275 -44.25 8.50 -13.12
C GLU A 275 -44.72 8.52 -11.66
N GLY A 276 -45.77 7.76 -11.36
CA GLY A 276 -46.29 7.75 -10.00
C GLY A 276 -46.11 6.47 -9.20
N TRP A 277 -45.02 5.77 -9.45
CA TRP A 277 -44.76 4.54 -8.72
C TRP A 277 -44.57 4.83 -7.25
N GLN A 278 -44.87 3.83 -6.44
CA GLN A 278 -44.73 3.94 -4.99
C GLN A 278 -44.74 2.52 -4.44
N PRO A 279 -43.90 2.25 -3.43
CA PRO A 279 -43.85 0.91 -2.86
C PRO A 279 -45.23 0.35 -2.57
N ASP A 280 -45.35 -0.97 -2.67
CA ASP A 280 -46.61 -1.68 -2.43
C ASP A 280 -47.25 -1.26 -1.12
N GLU A 281 -48.56 -1.06 -1.16
CA GLU A 281 -49.31 -0.72 0.02
C GLU A 281 -49.50 -2.07 0.74
N ALA A 282 -48.44 -2.53 1.39
CA ALA A 282 -48.50 -3.81 2.08
C ALA A 282 -48.57 -3.60 3.59
N MET B 1 21.10 5.43 46.51
CA MET B 1 22.36 5.61 45.72
C MET B 1 22.25 6.84 44.82
N TYR B 2 21.45 6.74 43.76
CA TYR B 2 21.26 7.85 42.82
C TYR B 2 20.10 8.73 43.28
N THR B 3 20.18 10.02 42.96
CA THR B 3 19.11 10.93 43.37
C THR B 3 18.57 11.78 42.22
N LEU B 4 17.25 11.87 42.14
CA LEU B 4 16.57 12.63 41.11
C LEU B 4 15.65 13.66 41.76
N ASN B 5 15.58 14.85 41.18
CA ASN B 5 14.75 15.93 41.71
C ASN B 5 13.35 15.99 41.11
N TRP B 6 12.47 16.68 41.83
CA TRP B 6 11.10 16.89 41.37
C TRP B 6 10.68 18.23 42.00
N GLN B 7 9.69 18.88 41.40
CA GLN B 7 9.19 20.17 41.89
C GLN B 7 7.92 19.90 42.69
N PRO B 8 7.81 20.47 43.90
CA PRO B 8 6.62 20.25 44.71
C PRO B 8 5.44 21.04 44.15
N PRO B 9 4.22 20.64 44.50
CA PRO B 9 3.92 19.49 45.37
C PRO B 9 3.90 18.21 44.56
N TYR B 10 3.99 17.08 45.25
CA TYR B 10 3.95 15.74 44.64
C TYR B 10 3.20 14.81 45.58
N ASP B 11 2.02 14.40 45.16
CA ASP B 11 1.17 13.53 45.97
C ASP B 11 1.64 12.08 45.85
N TRP B 12 2.62 11.72 46.67
CA TRP B 12 3.18 10.38 46.66
C TRP B 12 2.22 9.29 47.12
N SER B 13 1.35 9.61 48.08
CA SER B 13 0.39 8.62 48.55
C SER B 13 -0.47 8.18 47.38
N TRP B 14 -0.97 9.15 46.64
CA TRP B 14 -1.81 8.86 45.49
C TRP B 14 -1.05 8.02 44.45
N MET B 15 0.11 8.52 44.04
CA MET B 15 0.93 7.82 43.05
C MET B 15 1.21 6.37 43.42
N LEU B 16 1.72 6.14 44.62
CA LEU B 16 2.01 4.77 45.05
C LEU B 16 0.71 3.99 45.14
N GLY B 17 -0.37 4.69 45.48
CA GLY B 17 -1.66 4.05 45.58
C GLY B 17 -2.12 3.56 44.21
N PHE B 18 -1.89 4.38 43.19
CA PHE B 18 -2.27 4.04 41.83
C PHE B 18 -1.44 2.84 41.33
N LEU B 19 -0.14 2.87 41.58
CA LEU B 19 0.74 1.78 41.16
C LEU B 19 0.51 0.49 41.96
N ALA B 20 0.26 0.62 43.27
CA ALA B 20 0.03 -0.57 44.09
C ALA B 20 -1.21 -1.33 43.63
N ALA B 21 -2.28 -0.62 43.28
CA ALA B 21 -3.49 -1.28 42.84
C ALA B 21 -3.25 -2.06 41.54
N ARG B 22 -2.29 -1.61 40.75
CA ARG B 22 -2.01 -2.28 39.48
C ARG B 22 -0.74 -3.12 39.51
N ALA B 23 -0.16 -3.28 40.70
CA ALA B 23 1.07 -4.03 40.85
C ALA B 23 0.95 -5.48 40.44
N VAL B 24 1.96 -5.97 39.73
CA VAL B 24 2.00 -7.34 39.24
C VAL B 24 2.95 -8.16 40.12
N SER B 25 2.41 -9.19 40.75
CA SER B 25 3.18 -10.06 41.63
C SER B 25 4.35 -10.66 40.89
N SER B 26 5.49 -10.70 41.57
CA SER B 26 6.74 -11.24 41.01
C SER B 26 7.42 -10.20 40.14
N VAL B 27 6.69 -9.13 39.82
CA VAL B 27 7.31 -8.09 38.99
C VAL B 27 7.63 -6.85 39.80
N GLU B 28 6.64 -6.36 40.52
CA GLU B 28 6.84 -5.16 41.31
C GLU B 28 6.32 -5.24 42.74
N THR B 29 6.96 -4.48 43.62
CA THR B 29 6.55 -4.41 45.02
C THR B 29 6.25 -2.94 45.27
N VAL B 30 5.14 -2.67 45.91
CA VAL B 30 4.80 -1.28 46.19
C VAL B 30 4.43 -1.16 47.65
N ALA B 31 5.06 -0.22 48.34
CA ALA B 31 4.79 -0.01 49.77
C ALA B 31 4.52 1.45 50.04
N ASP B 32 4.30 1.80 51.29
CA ASP B 32 4.01 3.18 51.65
C ASP B 32 5.21 4.09 51.40
N SER B 33 6.39 3.57 51.69
CA SER B 33 7.60 4.34 51.56
C SER B 33 8.43 4.08 50.30
N TYR B 34 8.03 3.10 49.50
CA TYR B 34 8.82 2.84 48.32
C TYR B 34 8.12 2.04 47.22
N TYR B 35 8.84 1.91 46.12
CA TYR B 35 8.39 1.19 44.93
C TYR B 35 9.58 0.37 44.45
N ALA B 36 9.34 -0.87 44.04
CA ALA B 36 10.41 -1.72 43.56
C ALA B 36 9.95 -2.69 42.49
N ARG B 37 10.82 -2.95 41.52
CA ARG B 37 10.49 -3.89 40.47
C ARG B 37 11.72 -4.39 39.74
N SER B 38 11.52 -5.47 38.99
CA SER B 38 12.57 -6.06 38.17
C SER B 38 12.73 -5.13 36.96
N LEU B 39 13.91 -5.12 36.38
CA LEU B 39 14.14 -4.26 35.23
C LEU B 39 15.14 -4.90 34.28
N ALA B 40 14.81 -4.88 33.00
CA ALA B 40 15.69 -5.44 31.98
C ALA B 40 15.97 -4.37 30.92
N VAL B 41 17.25 -4.15 30.66
CA VAL B 41 17.71 -3.19 29.68
C VAL B 41 18.75 -3.97 28.91
N GLY B 42 18.33 -4.57 27.80
CA GLY B 42 19.24 -5.38 27.02
C GLY B 42 19.46 -6.68 27.77
N GLU B 43 20.71 -7.06 27.96
CA GLU B 43 21.02 -8.29 28.67
C GLU B 43 21.33 -8.02 30.14
N TYR B 44 21.16 -6.78 30.57
CA TYR B 44 21.41 -6.41 31.96
C TYR B 44 20.09 -6.51 32.71
N ARG B 45 20.12 -7.15 33.86
CA ARG B 45 18.92 -7.33 34.66
C ARG B 45 19.16 -7.08 36.14
N GLY B 46 18.09 -6.81 36.86
CA GLY B 46 18.23 -6.55 38.27
C GLY B 46 16.98 -5.97 38.88
N VAL B 47 17.14 -5.38 40.05
CA VAL B 47 16.01 -4.81 40.74
C VAL B 47 16.23 -3.33 40.95
N VAL B 48 15.20 -2.54 40.67
CA VAL B 48 15.25 -1.10 40.83
C VAL B 48 14.41 -0.77 42.05
N THR B 49 14.88 0.15 42.88
CA THR B 49 14.11 0.53 44.07
C THR B 49 14.04 2.06 44.14
N ALA B 50 12.83 2.57 44.26
CA ALA B 50 12.63 4.01 44.31
C ALA B 50 12.02 4.41 45.65
N ILE B 51 12.70 5.35 46.31
CA ILE B 51 12.28 5.83 47.62
C ILE B 51 12.17 7.36 47.62
N PRO B 52 10.96 7.88 47.74
CA PRO B 52 10.82 9.33 47.74
C PRO B 52 11.28 9.96 49.04
N ASP B 53 11.92 11.12 48.92
CA ASP B 53 12.39 11.84 50.07
C ASP B 53 11.66 13.17 50.06
N ILE B 54 10.60 13.27 50.85
CA ILE B 54 9.79 14.48 50.93
C ILE B 54 10.53 15.68 51.50
N ALA B 55 11.44 15.42 52.42
CA ALA B 55 12.19 16.50 53.03
C ALA B 55 12.92 17.37 52.01
N ARG B 56 13.59 16.73 51.05
CA ARG B 56 14.35 17.46 50.03
C ARG B 56 13.79 17.46 48.61
N HIS B 57 12.55 17.00 48.44
CA HIS B 57 11.92 17.02 47.12
C HIS B 57 12.77 16.20 46.16
N THR B 58 13.06 14.97 46.55
CA THR B 58 13.90 14.14 45.71
C THR B 58 13.48 12.68 45.72
N LEU B 59 13.96 11.93 44.73
CA LEU B 59 13.63 10.51 44.69
C LEU B 59 14.98 9.78 44.67
N HIS B 60 15.13 8.81 45.54
CA HIS B 60 16.36 8.03 45.60
C HIS B 60 16.15 6.73 44.86
N ILE B 61 17.08 6.41 43.98
CA ILE B 61 17.01 5.20 43.17
C ILE B 61 18.20 4.30 43.47
N ASN B 62 17.93 3.06 43.82
CA ASN B 62 19.00 2.11 44.08
C ASN B 62 18.91 0.99 43.02
N LEU B 63 20.03 0.67 42.39
CA LEU B 63 20.05 -0.39 41.37
C LEU B 63 20.89 -1.58 41.81
N SER B 64 20.36 -2.79 41.62
CA SER B 64 21.11 -4.00 41.94
C SER B 64 22.30 -4.02 40.97
N ALA B 65 23.38 -4.68 41.36
CA ALA B 65 24.60 -4.75 40.55
C ALA B 65 24.43 -5.02 39.05
N GLY B 66 23.50 -5.90 38.70
CA GLY B 66 23.30 -6.20 37.28
C GLY B 66 22.86 -5.05 36.39
N LEU B 67 22.38 -3.96 36.97
CA LEU B 67 21.91 -2.83 36.16
C LEU B 67 22.81 -1.59 36.13
N GLU B 68 23.95 -1.64 36.83
CA GLU B 68 24.84 -0.48 36.85
C GLU B 68 25.37 -0.05 35.48
N PRO B 69 25.77 -1.01 34.63
CA PRO B 69 26.29 -0.67 33.30
C PRO B 69 25.36 0.23 32.50
N VAL B 70 24.07 0.16 32.78
CA VAL B 70 23.07 0.97 32.09
C VAL B 70 22.26 1.76 33.12
N ALA B 71 22.95 2.23 34.15
CA ALA B 71 22.33 2.99 35.21
C ALA B 71 21.50 4.17 34.70
N ALA B 72 22.11 5.05 33.93
CA ALA B 72 21.44 6.23 33.41
C ALA B 72 20.11 5.95 32.74
N GLU B 73 20.04 4.88 31.94
CA GLU B 73 18.78 4.58 31.28
C GLU B 73 17.76 4.12 32.31
N CYS B 74 18.23 3.43 33.35
CA CYS B 74 17.34 2.98 34.42
C CYS B 74 16.79 4.24 35.09
N LEU B 75 17.68 5.19 35.38
CA LEU B 75 17.27 6.44 35.99
C LEU B 75 16.21 7.13 35.13
N ALA B 76 16.44 7.15 33.81
CA ALA B 76 15.50 7.77 32.87
C ALA B 76 14.17 7.04 32.87
N LYS B 77 14.21 5.71 32.95
CA LYS B 77 12.98 4.93 32.99
C LYS B 77 12.16 5.30 34.24
N MET B 78 12.85 5.47 35.37
CA MET B 78 12.14 5.86 36.59
C MET B 78 11.58 7.29 36.45
N SER B 79 12.31 8.18 35.80
CA SER B 79 11.80 9.55 35.68
C SER B 79 10.53 9.61 34.82
N ARG B 80 10.41 8.73 33.84
CA ARG B 80 9.22 8.73 33.01
C ARG B 80 8.05 8.11 33.75
N LEU B 81 8.32 7.08 34.57
CA LEU B 81 7.28 6.42 35.35
C LEU B 81 6.69 7.34 36.43
N PHE B 82 7.54 8.12 37.09
CA PHE B 82 7.08 8.99 38.15
C PHE B 82 6.84 10.44 37.74
N ASP B 83 6.92 10.71 36.44
CA ASP B 83 6.62 12.04 35.93
C ASP B 83 7.38 13.18 36.65
N LEU B 84 8.66 12.96 36.91
CA LEU B 84 9.51 13.92 37.60
C LEU B 84 9.65 15.27 36.91
N GLN B 85 9.43 15.29 35.61
CA GLN B 85 9.53 16.53 34.82
C GLN B 85 8.43 17.53 35.11
N CYS B 86 7.29 17.03 35.57
CA CYS B 86 6.14 17.90 35.81
C CYS B 86 6.34 19.16 36.64
N ASN B 87 5.81 20.25 36.12
CA ASN B 87 5.85 21.52 36.81
C ASN B 87 4.38 21.78 37.17
N PRO B 88 3.98 21.38 38.39
CA PRO B 88 2.61 21.56 38.87
C PRO B 88 2.02 22.96 38.79
N GLN B 89 2.85 24.00 38.79
CA GLN B 89 2.27 25.34 38.68
C GLN B 89 1.69 25.57 37.30
N ILE B 90 2.39 25.11 36.28
CA ILE B 90 1.91 25.28 34.92
C ILE B 90 0.62 24.50 34.71
N VAL B 91 0.64 23.22 35.04
CA VAL B 91 -0.54 22.39 34.87
C VAL B 91 -1.71 22.93 35.66
N ASN B 92 -1.49 23.18 36.94
CA ASN B 92 -2.53 23.69 37.82
C ASN B 92 -2.94 25.10 37.49
N GLY B 93 -2.04 25.84 36.85
CA GLY B 93 -2.38 27.20 36.46
C GLY B 93 -3.42 27.10 35.36
N ALA B 94 -3.22 26.15 34.46
CA ALA B 94 -4.12 25.94 33.34
C ALA B 94 -5.42 25.22 33.71
N LEU B 95 -5.32 24.17 34.50
CA LEU B 95 -6.50 23.40 34.89
C LEU B 95 -7.49 24.13 35.80
N GLY B 96 -7.05 25.21 36.42
CA GLY B 96 -7.95 25.94 37.29
C GLY B 96 -8.42 25.13 38.49
N ARG B 97 -9.66 25.33 38.88
CA ARG B 97 -10.24 24.64 40.03
C ARG B 97 -10.22 23.13 39.93
N LEU B 98 -10.20 22.62 38.71
CA LEU B 98 -10.22 21.17 38.49
C LEU B 98 -9.15 20.44 39.29
N GLY B 99 -7.94 21.00 39.34
CA GLY B 99 -6.87 20.36 40.08
C GLY B 99 -6.45 21.08 41.34
N ALA B 100 -7.29 22.00 41.84
CA ALA B 100 -6.95 22.74 43.04
C ALA B 100 -6.96 21.84 44.28
N ALA B 101 -7.78 20.79 44.25
CA ALA B 101 -7.90 19.85 45.36
C ALA B 101 -6.70 18.93 45.53
N ARG B 102 -6.01 18.61 44.44
CA ARG B 102 -4.84 17.73 44.50
C ARG B 102 -3.76 18.25 43.56
N PRO B 103 -3.11 19.35 43.93
CA PRO B 103 -2.05 19.93 43.09
C PRO B 103 -0.84 19.04 42.88
N GLY B 104 -0.74 17.96 43.65
CA GLY B 104 0.40 17.04 43.52
C GLY B 104 0.18 15.84 42.60
N LEU B 105 -0.98 15.79 41.98
CA LEU B 105 -1.32 14.72 41.05
C LEU B 105 -0.25 14.63 39.94
N ARG B 106 0.17 13.42 39.61
CA ARG B 106 1.16 13.23 38.54
C ARG B 106 0.65 12.21 37.55
N LEU B 107 1.27 12.14 36.38
CA LEU B 107 0.85 11.18 35.39
C LEU B 107 1.64 9.89 35.52
N PRO B 108 1.00 8.80 35.96
CA PRO B 108 1.72 7.54 36.11
C PRO B 108 2.09 7.04 34.72
N GLY B 109 3.38 6.90 34.45
CA GLY B 109 3.81 6.43 33.16
C GLY B 109 4.16 4.96 33.17
N CYS B 110 5.30 4.63 32.59
CA CYS B 110 5.76 3.25 32.51
C CYS B 110 7.25 3.26 32.35
N VAL B 111 7.84 2.08 32.43
CA VAL B 111 9.27 1.93 32.28
C VAL B 111 9.61 1.30 30.92
N ASP B 112 8.57 0.94 30.18
CA ASP B 112 8.72 0.34 28.86
C ASP B 112 7.36 0.33 28.14
N ALA B 113 7.34 0.92 26.95
CA ALA B 113 6.12 1.02 26.15
C ALA B 113 5.53 -0.33 25.75
N PHE B 114 6.37 -1.30 25.43
CA PHE B 114 5.86 -2.61 25.06
C PHE B 114 5.05 -3.14 26.24
N GLU B 115 5.71 -3.23 27.39
CA GLU B 115 5.06 -3.72 28.59
C GLU B 115 3.77 -2.99 28.82
N GLN B 116 3.80 -1.68 28.67
CA GLN B 116 2.60 -0.88 28.86
C GLN B 116 1.53 -1.23 27.83
N GLY B 117 1.97 -1.58 26.63
CA GLY B 117 1.00 -1.96 25.62
C GLY B 117 0.29 -3.22 26.11
N VAL B 118 1.07 -4.19 26.55
CA VAL B 118 0.49 -5.43 27.05
C VAL B 118 -0.47 -5.20 28.20
N ARG B 119 -0.11 -4.30 29.12
CA ARG B 119 -0.97 -4.02 30.26
C ARG B 119 -2.24 -3.33 29.83
N ALA B 120 -2.14 -2.50 28.79
CA ALA B 120 -3.31 -1.79 28.29
C ALA B 120 -4.28 -2.80 27.73
N ILE B 121 -3.74 -3.75 26.98
CA ILE B 121 -4.55 -4.78 26.37
C ILE B 121 -5.11 -5.76 27.39
N LEU B 122 -4.28 -6.22 28.33
CA LEU B 122 -4.77 -7.16 29.33
C LEU B 122 -5.76 -6.56 30.31
N GLY B 123 -5.85 -5.24 30.32
CA GLY B 123 -6.76 -4.58 31.22
C GLY B 123 -8.05 -4.15 30.56
N GLN B 124 -8.31 -4.67 29.36
CA GLN B 124 -9.52 -4.31 28.64
C GLN B 124 -10.74 -5.06 29.21
N LEU B 125 -11.83 -4.33 29.39
CA LEU B 125 -13.07 -4.89 29.88
C LEU B 125 -12.97 -5.76 31.15
N VAL B 126 -12.03 -5.44 32.03
CA VAL B 126 -11.86 -6.18 33.28
C VAL B 126 -11.56 -5.24 34.44
N SER B 127 -11.57 -5.77 35.66
CA SER B 127 -11.29 -4.95 36.84
C SER B 127 -9.79 -4.84 37.07
N VAL B 128 -9.37 -3.71 37.63
CA VAL B 128 -7.96 -3.47 37.92
C VAL B 128 -7.32 -4.72 38.53
N ALA B 129 -7.96 -5.26 39.56
CA ALA B 129 -7.45 -6.45 40.24
C ALA B 129 -7.30 -7.69 39.35
N MET B 130 -8.26 -7.91 38.46
CA MET B 130 -8.17 -9.06 37.57
C MET B 130 -7.03 -8.87 36.58
N ALA B 131 -6.96 -7.68 36.01
CA ALA B 131 -5.92 -7.37 35.03
C ALA B 131 -4.54 -7.66 35.61
N ALA B 132 -4.36 -7.31 36.89
CA ALA B 132 -3.09 -7.52 37.57
C ALA B 132 -2.75 -8.98 37.69
N LYS B 133 -3.72 -9.77 38.12
CA LYS B 133 -3.51 -11.19 38.28
C LYS B 133 -3.34 -11.82 36.90
N LEU B 134 -4.16 -11.39 35.95
CA LEU B 134 -4.06 -11.91 34.60
C LEU B 134 -2.64 -11.66 34.10
N THR B 135 -2.22 -10.40 34.19
CA THR B 135 -0.87 -10.01 33.77
C THR B 135 0.19 -10.86 34.46
N ALA B 136 0.09 -10.99 35.78
CA ALA B 136 1.05 -11.77 36.55
C ALA B 136 1.21 -13.18 36.01
N ARG B 137 0.09 -13.78 35.58
CA ARG B 137 0.13 -15.12 35.04
C ARG B 137 1.00 -15.12 33.79
N VAL B 138 0.80 -14.10 32.96
CA VAL B 138 1.56 -13.97 31.72
C VAL B 138 3.03 -13.81 32.02
N ALA B 139 3.33 -12.99 33.04
CA ALA B 139 4.71 -12.74 33.43
C ALA B 139 5.42 -14.01 33.86
N GLN B 140 4.77 -14.75 34.75
CA GLN B 140 5.33 -15.97 35.29
C GLN B 140 5.61 -17.01 34.20
N LEU B 141 4.66 -17.15 33.28
CA LEU B 141 4.78 -18.11 32.20
C LEU B 141 5.84 -17.81 31.14
N TYR B 142 6.14 -16.54 30.93
CA TYR B 142 7.13 -16.17 29.89
C TYR B 142 8.26 -15.24 30.32
N GLY B 143 8.42 -15.01 31.62
CA GLY B 143 9.46 -14.10 32.07
C GLY B 143 10.85 -14.65 32.31
N GLU B 144 11.76 -13.77 32.68
CA GLU B 144 13.14 -14.11 32.98
C GLU B 144 13.36 -13.85 34.47
N ARG B 145 13.53 -14.91 35.26
CA ARG B 145 13.73 -14.76 36.69
C ARG B 145 15.16 -14.36 37.00
N LEU B 146 15.31 -13.50 37.99
CA LEU B 146 16.63 -13.03 38.41
C LEU B 146 17.28 -14.09 39.31
N ASP B 147 18.55 -14.39 39.05
CA ASP B 147 19.27 -15.38 39.83
C ASP B 147 19.62 -14.80 41.20
N ASP B 148 19.83 -13.49 41.23
CA ASP B 148 20.19 -12.80 42.47
C ASP B 148 19.00 -12.40 43.33
N PHE B 149 17.80 -12.45 42.77
CA PHE B 149 16.57 -12.10 43.49
C PHE B 149 15.45 -13.01 42.98
N PRO B 150 15.50 -14.28 43.40
CA PRO B 150 14.58 -15.36 43.08
C PRO B 150 13.10 -15.02 42.97
N GLU B 151 12.62 -14.15 43.85
CA GLU B 151 11.20 -13.81 43.81
C GLU B 151 10.84 -12.78 42.73
N TYR B 152 11.85 -12.29 42.03
CA TYR B 152 11.62 -11.33 40.96
C TYR B 152 11.78 -11.90 39.57
N ILE B 153 10.76 -11.61 38.76
CA ILE B 153 10.71 -12.07 37.39
C ILE B 153 10.61 -10.86 36.42
N CYS B 154 11.48 -10.83 35.42
CA CYS B 154 11.46 -9.74 34.44
C CYS B 154 10.26 -9.89 33.54
N PHE B 155 9.63 -8.77 33.20
CA PHE B 155 8.47 -8.77 32.32
C PHE B 155 8.87 -9.43 31.01
N PRO B 156 7.95 -10.20 30.39
CA PRO B 156 8.16 -10.92 29.12
C PRO B 156 8.68 -10.05 27.98
N THR B 157 9.74 -10.50 27.32
CA THR B 157 10.32 -9.76 26.20
C THR B 157 9.43 -9.92 24.96
N PRO B 158 9.60 -9.04 23.97
CA PRO B 158 8.79 -9.11 22.73
C PRO B 158 9.08 -10.41 21.98
N GLN B 159 10.34 -10.81 21.95
CA GLN B 159 10.73 -12.04 21.27
C GLN B 159 10.04 -13.24 21.91
N ARG B 160 9.98 -13.26 23.24
CA ARG B 160 9.36 -14.37 23.94
C ARG B 160 7.85 -14.43 23.77
N LEU B 161 7.19 -13.27 23.76
CA LEU B 161 5.73 -13.22 23.60
C LEU B 161 5.29 -13.35 22.15
N ALA B 162 6.24 -13.26 21.22
CA ALA B 162 5.89 -13.38 19.82
C ALA B 162 5.78 -14.85 19.46
N ALA B 163 6.63 -15.66 20.10
CA ALA B 163 6.66 -17.10 19.88
C ALA B 163 5.79 -17.87 20.87
N ALA B 164 4.86 -17.18 21.51
CA ALA B 164 3.97 -17.82 22.47
C ALA B 164 2.78 -18.48 21.76
N ASP B 165 2.38 -19.65 22.26
CA ASP B 165 1.26 -20.39 21.71
C ASP B 165 -0.01 -19.62 22.01
N PRO B 166 -0.70 -19.13 20.97
CA PRO B 166 -1.94 -18.37 21.13
C PRO B 166 -3.00 -19.02 22.00
N GLN B 167 -2.76 -20.27 22.40
CA GLN B 167 -3.72 -20.99 23.23
C GLN B 167 -3.31 -20.96 24.70
N ALA B 168 -2.02 -21.19 24.98
CA ALA B 168 -1.53 -21.18 26.35
C ALA B 168 -1.96 -19.87 27.00
N LEU B 169 -1.97 -18.80 26.20
CA LEU B 169 -2.39 -17.48 26.68
C LEU B 169 -3.88 -17.47 26.92
N LYS B 170 -4.65 -18.12 26.06
CA LYS B 170 -6.09 -18.14 26.28
C LYS B 170 -6.29 -18.77 27.64
N ALA B 171 -5.60 -19.90 27.85
CA ALA B 171 -5.64 -20.65 29.10
C ALA B 171 -5.65 -19.75 30.33
N LEU B 172 -4.61 -18.94 30.45
CA LEU B 172 -4.45 -18.04 31.59
C LEU B 172 -5.71 -17.25 31.92
N GLY B 173 -6.62 -17.13 30.96
CA GLY B 173 -7.85 -16.42 31.25
C GLY B 173 -8.17 -15.23 30.37
N MET B 174 -7.93 -15.35 29.08
CA MET B 174 -8.24 -14.25 28.16
C MET B 174 -8.79 -14.80 26.85
N PRO B 175 -9.66 -14.03 26.18
CA PRO B 175 -10.26 -14.44 24.92
C PRO B 175 -9.18 -14.85 23.92
N LEU B 176 -9.60 -15.35 22.76
CA LEU B 176 -8.63 -15.77 21.76
C LEU B 176 -8.09 -14.54 21.03
N LYS B 177 -8.96 -13.56 20.79
CA LYS B 177 -8.54 -12.35 20.11
C LYS B 177 -7.60 -11.55 21.00
N ARG B 178 -7.74 -11.76 22.31
CA ARG B 178 -6.93 -11.08 23.31
C ARG B 178 -5.46 -11.49 23.22
N ALA B 179 -5.23 -12.80 23.05
CA ALA B 179 -3.88 -13.34 22.97
C ALA B 179 -3.23 -13.09 21.62
N GLU B 180 -4.04 -13.00 20.57
CA GLU B 180 -3.50 -12.75 19.24
C GLU B 180 -3.03 -11.30 19.25
N ALA B 181 -3.79 -10.47 19.96
CA ALA B 181 -3.48 -9.06 20.10
C ALA B 181 -2.13 -8.88 20.79
N LEU B 182 -1.83 -9.75 21.75
CA LEU B 182 -0.57 -9.68 22.47
C LEU B 182 0.56 -10.16 21.59
N ILE B 183 0.31 -11.22 20.83
CA ILE B 183 1.31 -11.78 19.93
C ILE B 183 1.58 -10.82 18.77
N HIS B 184 0.54 -10.08 18.38
CA HIS B 184 0.72 -9.12 17.30
C HIS B 184 1.59 -7.98 17.82
N LEU B 185 1.14 -7.34 18.89
CA LEU B 185 1.86 -6.23 19.49
C LEU B 185 3.32 -6.59 19.66
N ALA B 186 3.57 -7.83 20.07
CA ALA B 186 4.93 -8.27 20.29
C ALA B 186 5.78 -8.26 19.01
N ASN B 187 5.21 -8.70 17.89
CA ASN B 187 5.97 -8.70 16.64
C ASN B 187 6.29 -7.27 16.24
N ALA B 188 5.32 -6.38 16.45
CA ALA B 188 5.52 -4.98 16.12
C ALA B 188 6.73 -4.48 16.88
N ALA B 189 6.80 -4.78 18.17
CA ALA B 189 7.93 -4.38 19.01
C ALA B 189 9.24 -4.91 18.46
N LEU B 190 9.23 -6.14 17.95
CA LEU B 190 10.43 -6.75 17.38
C LEU B 190 10.89 -6.04 16.11
N GLU B 191 9.92 -5.65 15.29
CA GLU B 191 10.19 -4.98 14.03
C GLU B 191 10.33 -3.46 14.11
N GLY B 192 10.05 -2.90 15.28
CA GLY B 192 10.14 -1.46 15.46
C GLY B 192 8.91 -0.69 15.00
N THR B 193 7.78 -1.38 14.86
CA THR B 193 6.55 -0.73 14.41
C THR B 193 5.74 -0.08 15.53
N LEU B 194 5.97 -0.51 16.77
CA LEU B 194 5.32 0.06 17.94
C LEU B 194 6.24 1.16 18.47
N PRO B 195 5.83 2.42 18.36
CA PRO B 195 6.73 3.46 18.88
C PRO B 195 7.03 3.25 20.36
N MET B 196 8.31 3.21 20.68
CA MET B 196 8.71 3.02 22.07
C MET B 196 8.84 4.35 22.80
N THR B 197 8.85 5.44 22.06
CA THR B 197 8.94 6.78 22.66
C THR B 197 7.86 7.65 22.01
N ILE B 198 7.47 8.71 22.70
CA ILE B 198 6.41 9.58 22.20
C ILE B 198 6.67 10.22 20.84
N PRO B 199 5.77 9.98 19.88
CA PRO B 199 5.89 10.54 18.53
C PRO B 199 5.50 12.03 18.49
N GLY B 200 5.98 12.73 17.47
CA GLY B 200 5.66 14.16 17.34
C GLY B 200 4.20 14.42 17.04
N ASP B 201 3.59 13.48 16.32
CA ASP B 201 2.17 13.57 15.96
C ASP B 201 1.47 12.44 16.68
N VAL B 202 1.02 12.70 17.91
CA VAL B 202 0.35 11.68 18.70
C VAL B 202 -0.95 11.18 18.06
N GLU B 203 -1.80 12.11 17.63
CA GLU B 203 -3.08 11.71 17.01
C GLU B 203 -2.86 10.74 15.87
N GLN B 204 -1.89 11.05 15.02
CA GLN B 204 -1.59 10.21 13.88
C GLN B 204 -1.10 8.85 14.37
N ALA B 205 -0.08 8.84 15.22
CA ALA B 205 0.44 7.57 15.71
C ALA B 205 -0.67 6.74 16.37
N MET B 206 -1.62 7.39 17.03
CA MET B 206 -2.71 6.65 17.66
C MET B 206 -3.61 6.01 16.60
N LYS B 207 -3.82 6.72 15.49
CA LYS B 207 -4.64 6.18 14.40
C LYS B 207 -4.00 4.87 13.95
N THR B 208 -2.73 4.93 13.60
CA THR B 208 -2.03 3.74 13.17
C THR B 208 -2.20 2.60 14.19
N LEU B 209 -1.99 2.90 15.45
CA LEU B 209 -2.14 1.88 16.48
C LEU B 209 -3.52 1.23 16.42
N GLN B 210 -4.55 2.01 16.09
CA GLN B 210 -5.89 1.45 16.03
C GLN B 210 -6.07 0.41 14.92
N THR B 211 -5.15 0.33 13.96
CA THR B 211 -5.26 -0.68 12.91
C THR B 211 -4.68 -1.99 13.43
N PHE B 212 -4.27 -1.97 14.70
CA PHE B 212 -3.71 -3.15 15.34
C PHE B 212 -4.84 -4.03 15.81
N PRO B 213 -4.68 -5.36 15.71
CA PRO B 213 -5.77 -6.22 16.18
C PRO B 213 -5.86 -6.19 17.70
N GLY B 214 -7.06 -5.97 18.22
CA GLY B 214 -7.24 -5.94 19.66
C GLY B 214 -7.00 -4.55 20.22
N ILE B 215 -6.54 -3.64 19.38
CA ILE B 215 -6.28 -2.27 19.80
C ILE B 215 -7.29 -1.31 19.20
N GLY B 216 -8.16 -0.78 20.03
CA GLY B 216 -9.16 0.18 19.56
C GLY B 216 -8.82 1.58 20.02
N ARG B 217 -9.75 2.52 19.85
CA ARG B 217 -9.49 3.89 20.24
C ARG B 217 -9.22 4.06 21.73
N TRP B 218 -9.83 3.22 22.55
CA TRP B 218 -9.62 3.33 23.98
C TRP B 218 -8.21 2.89 24.34
N THR B 219 -7.80 1.71 23.89
CA THR B 219 -6.44 1.24 24.20
C THR B 219 -5.38 2.19 23.64
N ALA B 220 -5.57 2.67 22.42
CA ALA B 220 -4.60 3.59 21.83
C ALA B 220 -4.43 4.83 22.71
N ASN B 221 -5.54 5.37 23.20
CA ASN B 221 -5.48 6.55 24.05
C ASN B 221 -4.74 6.23 25.33
N TYR B 222 -5.26 5.25 26.08
CA TYR B 222 -4.65 4.86 27.34
C TYR B 222 -3.17 4.54 27.17
N PHE B 223 -2.82 4.00 26.00
CA PHE B 223 -1.44 3.65 25.72
C PHE B 223 -0.59 4.91 25.52
N ALA B 224 -1.16 5.90 24.84
CA ALA B 224 -0.43 7.13 24.59
C ALA B 224 -0.21 7.83 25.91
N LEU B 225 -1.25 7.85 26.73
CA LEU B 225 -1.21 8.47 28.04
C LEU B 225 -0.14 7.88 28.96
N ARG B 226 -0.14 6.56 29.12
CA ARG B 226 0.81 5.90 30.02
C ARG B 226 2.09 5.41 29.38
N GLY B 227 1.98 4.80 28.22
CA GLY B 227 3.17 4.29 27.54
C GLY B 227 4.07 5.37 26.96
N TRP B 228 3.52 6.47 26.47
CA TRP B 228 4.33 7.55 25.91
C TRP B 228 4.31 8.77 26.83
N GLN B 229 3.46 8.73 27.85
CA GLN B 229 3.31 9.84 28.78
C GLN B 229 2.86 11.10 28.04
N ALA B 230 2.02 10.93 27.02
CA ALA B 230 1.52 12.09 26.27
C ALA B 230 0.68 12.86 27.28
N LYS B 231 0.86 14.17 27.32
CA LYS B 231 0.16 14.97 28.31
C LYS B 231 -1.16 15.61 27.89
N ASP B 232 -1.53 15.49 26.62
CA ASP B 232 -2.77 16.10 26.20
C ASP B 232 -3.77 15.18 25.49
N VAL B 233 -4.03 14.01 26.06
CA VAL B 233 -4.99 13.09 25.49
C VAL B 233 -6.10 12.83 26.50
N PHE B 234 -7.32 12.59 26.01
CA PHE B 234 -8.44 12.35 26.91
C PHE B 234 -9.02 10.98 26.57
N LEU B 235 -9.83 10.42 27.45
CA LEU B 235 -10.43 9.11 27.20
C LEU B 235 -11.95 9.13 27.26
N PRO B 236 -12.62 9.76 26.28
CA PRO B 236 -14.08 9.81 26.28
C PRO B 236 -14.77 8.44 26.19
N ASP B 237 -14.07 7.45 25.65
CA ASP B 237 -14.63 6.11 25.52
C ASP B 237 -14.44 5.30 26.79
N ASP B 238 -13.91 5.93 27.84
CA ASP B 238 -13.70 5.24 29.09
C ASP B 238 -15.01 5.15 29.88
N TYR B 239 -15.32 3.95 30.36
CA TYR B 239 -16.54 3.73 31.12
C TYR B 239 -16.74 4.78 32.21
N LEU B 240 -15.78 4.82 33.12
CA LEU B 240 -15.81 5.76 34.23
C LEU B 240 -15.94 7.19 33.73
N ILE B 241 -15.26 7.52 32.64
CA ILE B 241 -15.36 8.87 32.12
C ILE B 241 -16.78 9.16 31.63
N LYS B 242 -17.47 8.13 31.16
CA LYS B 242 -18.84 8.31 30.68
C LYS B 242 -19.76 8.67 31.85
N GLN B 243 -19.57 7.99 32.98
CA GLN B 243 -20.36 8.25 34.17
C GLN B 243 -20.09 9.65 34.72
N ARG B 244 -18.87 10.14 34.55
CA ARG B 244 -18.49 11.47 35.03
C ARG B 244 -19.15 12.57 34.18
N PHE B 245 -19.60 12.21 32.98
CA PHE B 245 -20.27 13.15 32.08
C PHE B 245 -21.63 12.54 31.76
N PRO B 246 -22.56 12.59 32.73
CA PRO B 246 -23.91 12.04 32.55
C PRO B 246 -24.55 12.35 31.20
N GLY B 247 -24.96 11.31 30.49
CA GLY B 247 -25.60 11.49 29.20
C GLY B 247 -24.67 11.70 28.03
N MET B 248 -24.04 12.88 27.98
CA MET B 248 -23.12 13.27 26.91
C MET B 248 -22.49 12.11 26.12
N THR B 249 -22.33 12.33 24.82
CA THR B 249 -21.76 11.33 23.93
C THR B 249 -20.26 11.57 23.69
N PRO B 250 -19.50 10.50 23.41
CA PRO B 250 -18.05 10.57 23.17
C PRO B 250 -17.54 11.87 22.55
N ALA B 251 -18.24 12.35 21.52
CA ALA B 251 -17.81 13.58 20.86
C ALA B 251 -18.07 14.82 21.70
N GLN B 252 -19.12 14.78 22.51
CA GLN B 252 -19.45 15.92 23.36
C GLN B 252 -18.47 16.07 24.51
N ILE B 253 -18.12 14.95 25.14
CA ILE B 253 -17.16 14.96 26.24
C ILE B 253 -15.88 15.60 25.69
N ARG B 254 -15.44 15.04 24.58
CA ARG B 254 -14.25 15.47 23.86
C ARG B 254 -14.23 16.99 23.68
N ARG B 255 -15.33 17.53 23.18
CA ARG B 255 -15.44 18.97 22.93
C ARG B 255 -15.37 19.74 24.24
N TYR B 256 -15.84 19.12 25.32
CA TYR B 256 -15.82 19.77 26.62
C TYR B 256 -14.39 19.75 27.17
N ALA B 257 -13.73 18.61 27.03
CA ALA B 257 -12.36 18.46 27.51
C ALA B 257 -11.42 19.48 26.88
N GLU B 258 -11.74 19.89 25.66
CA GLU B 258 -10.88 20.84 24.95
C GLU B 258 -10.51 22.04 25.81
N ARG B 259 -11.35 22.37 26.79
CA ARG B 259 -11.06 23.52 27.64
C ARG B 259 -9.80 23.36 28.47
N TRP B 260 -9.23 22.15 28.50
CA TRP B 260 -8.03 21.89 29.29
C TRP B 260 -6.74 21.71 28.48
N LYS B 261 -6.80 21.97 27.18
CA LYS B 261 -5.59 21.87 26.34
C LYS B 261 -4.57 22.80 26.97
N PRO B 262 -3.28 22.44 26.93
CA PRO B 262 -2.72 21.22 26.34
C PRO B 262 -2.39 20.19 27.42
N TRP B 263 -3.22 20.16 28.45
CA TRP B 263 -3.01 19.25 29.57
C TRP B 263 -4.19 18.31 29.82
N ARG B 264 -4.81 17.83 28.75
CA ARG B 264 -5.96 16.96 28.93
C ARG B 264 -5.69 15.68 29.69
N SER B 265 -4.45 15.20 29.64
CA SER B 265 -4.10 13.98 30.36
C SER B 265 -4.22 14.19 31.88
N TYR B 266 -3.81 15.36 32.34
CA TYR B 266 -3.90 15.68 33.76
C TYR B 266 -5.36 15.90 34.09
N ALA B 267 -6.05 16.65 33.25
CA ALA B 267 -7.48 16.90 33.47
C ALA B 267 -8.17 15.55 33.64
N LEU B 268 -7.86 14.63 32.75
CA LEU B 268 -8.42 13.28 32.79
C LEU B 268 -8.23 12.64 34.15
N LEU B 269 -6.97 12.56 34.58
CA LEU B 269 -6.63 11.95 35.87
C LEU B 269 -7.42 12.56 37.02
N HIS B 270 -7.54 13.89 37.05
CA HIS B 270 -8.28 14.54 38.12
C HIS B 270 -9.74 14.13 38.12
N ILE B 271 -10.34 14.04 36.93
CA ILE B 271 -11.74 13.66 36.83
C ILE B 271 -11.95 12.21 37.26
N TRP B 272 -11.00 11.36 36.93
CA TRP B 272 -11.05 9.95 37.30
C TRP B 272 -11.11 9.80 38.81
N TYR B 273 -10.28 10.58 39.51
CA TYR B 273 -10.21 10.51 40.95
C TYR B 273 -10.93 11.64 41.68
N THR B 274 -12.13 11.96 41.21
CA THR B 274 -12.95 12.96 41.83
C THR B 274 -14.38 12.51 41.63
N GLU B 275 -14.78 11.60 42.50
CA GLU B 275 -16.09 10.95 42.51
C GLU B 275 -17.36 11.72 42.11
N GLY B 276 -17.82 12.63 42.94
CA GLY B 276 -19.03 13.34 42.60
C GLY B 276 -18.83 14.46 41.58
N TRP B 277 -17.84 14.29 40.71
CA TRP B 277 -17.56 15.33 39.73
C TRP B 277 -18.55 15.33 38.59
N GLN B 278 -18.94 16.54 38.19
CA GLN B 278 -19.87 16.73 37.08
C GLN B 278 -19.58 18.04 36.37
N PRO B 279 -19.69 18.04 35.04
CA PRO B 279 -19.43 19.24 34.23
C PRO B 279 -20.25 20.45 34.62
N ASP B 280 -19.87 21.61 34.09
CA ASP B 280 -20.59 22.83 34.38
C ASP B 280 -21.92 22.77 33.64
N GLU B 281 -23.01 22.98 34.37
CA GLU B 281 -24.35 22.94 33.79
C GLU B 281 -24.57 24.10 32.82
N ALA B 282 -23.49 24.79 32.49
CA ALA B 282 -23.53 25.94 31.58
C ALA B 282 -23.94 25.50 30.17
N MET C 1 28.13 18.73 37.32
CA MET C 1 27.21 18.37 38.42
C MET C 1 26.97 16.84 38.52
N TYR C 2 26.24 16.26 37.56
CA TYR C 2 25.95 14.82 37.58
C TYR C 2 27.17 13.98 37.19
N THR C 3 27.20 12.72 37.64
CA THR C 3 28.31 11.84 37.30
C THR C 3 27.91 10.41 36.90
N LEU C 4 28.56 9.92 35.86
CA LEU C 4 28.33 8.57 35.32
C LEU C 4 29.68 7.91 35.22
N ASN C 5 29.76 6.64 35.63
CA ASN C 5 31.03 5.95 35.58
C ASN C 5 31.13 5.00 34.40
N TRP C 6 32.35 4.51 34.14
CA TRP C 6 32.57 3.57 33.06
C TRP C 6 33.62 2.53 33.46
N GLN C 7 33.76 1.49 32.64
CA GLN C 7 34.73 0.42 32.86
C GLN C 7 35.95 0.69 31.96
N PRO C 8 37.15 0.80 32.56
CA PRO C 8 38.37 1.06 31.79
C PRO C 8 38.77 -0.18 30.99
N PRO C 9 39.55 0.00 29.92
CA PRO C 9 40.07 1.29 29.46
C PRO C 9 39.12 1.98 28.48
N TYR C 10 39.15 3.31 28.46
CA TYR C 10 38.30 4.10 27.56
C TYR C 10 39.21 5.07 26.84
N ASP C 11 39.21 4.97 25.51
CA ASP C 11 40.05 5.83 24.69
C ASP C 11 39.35 7.16 24.34
N TRP C 12 39.34 8.09 25.28
CA TRP C 12 38.70 9.38 25.06
C TRP C 12 39.28 10.20 23.91
N SER C 13 40.57 10.04 23.65
CA SER C 13 41.21 10.78 22.55
C SER C 13 40.59 10.36 21.22
N TRP C 14 40.32 9.08 21.08
CA TRP C 14 39.71 8.54 19.87
C TRP C 14 38.25 8.96 19.77
N MET C 15 37.52 8.83 20.89
CA MET C 15 36.11 9.18 20.93
C MET C 15 35.90 10.65 20.58
N LEU C 16 36.63 11.54 21.24
CA LEU C 16 36.48 12.97 20.98
C LEU C 16 36.96 13.33 19.58
N GLY C 17 37.96 12.62 19.09
CA GLY C 17 38.48 12.90 17.77
C GLY C 17 37.44 12.56 16.71
N PHE C 18 36.81 11.40 16.88
CA PHE C 18 35.78 10.94 15.97
C PHE C 18 34.62 11.93 15.98
N LEU C 19 34.16 12.29 17.16
CA LEU C 19 33.05 13.23 17.27
C LEU C 19 33.45 14.61 16.78
N ALA C 20 34.72 14.96 17.01
CA ALA C 20 35.20 16.28 16.59
C ALA C 20 35.21 16.48 15.09
N ALA C 21 35.52 15.42 14.34
CA ALA C 21 35.55 15.52 12.89
C ALA C 21 34.15 15.68 12.31
N ARG C 22 33.18 15.09 12.99
CA ARG C 22 31.79 15.13 12.53
C ARG C 22 30.95 16.21 13.23
N ALA C 23 31.59 17.07 14.01
CA ALA C 23 30.89 18.11 14.75
C ALA C 23 30.18 19.10 13.84
N VAL C 24 29.03 19.58 14.28
CA VAL C 24 28.25 20.54 13.50
C VAL C 24 28.30 21.91 14.13
N SER C 25 28.95 22.84 13.45
CA SER C 25 29.08 24.22 13.91
C SER C 25 27.79 24.75 14.51
N SER C 26 27.90 25.36 15.68
CA SER C 26 26.76 25.96 16.38
C SER C 26 25.90 24.94 17.12
N VAL C 27 26.08 23.67 16.77
CA VAL C 27 25.31 22.62 17.42
C VAL C 27 26.20 21.98 18.48
N GLU C 28 27.42 21.65 18.09
CA GLU C 28 28.36 20.98 19.00
C GLU C 28 29.68 21.73 19.11
N THR C 29 30.38 21.43 20.20
CA THR C 29 31.70 22.00 20.49
C THR C 29 32.51 20.84 21.04
N VAL C 30 33.62 20.51 20.38
CA VAL C 30 34.43 19.41 20.88
C VAL C 30 35.88 19.82 21.09
N ALA C 31 36.35 19.69 22.32
CA ALA C 31 37.72 20.03 22.68
C ALA C 31 38.46 18.80 23.18
N ASP C 32 39.71 18.98 23.58
CA ASP C 32 40.54 17.89 24.06
C ASP C 32 40.08 17.23 25.36
N SER C 33 39.45 18.00 26.24
CA SER C 33 39.01 17.45 27.51
C SER C 33 37.51 17.39 27.73
N TYR C 34 36.73 17.96 26.80
CA TYR C 34 35.29 17.94 26.97
C TYR C 34 34.46 18.01 25.69
N TYR C 35 33.20 17.63 25.83
CA TYR C 35 32.23 17.63 24.75
C TYR C 35 31.02 18.42 25.24
N ALA C 36 30.45 19.25 24.37
CA ALA C 36 29.29 20.03 24.75
C ALA C 36 28.43 20.34 23.52
N ARG C 37 27.12 20.35 23.72
CA ARG C 37 26.22 20.63 22.62
C ARG C 37 24.85 21.08 23.07
N SER C 38 24.05 21.53 22.11
CA SER C 38 22.69 21.92 22.41
C SER C 38 21.91 20.61 22.56
N LEU C 39 20.81 20.66 23.30
CA LEU C 39 20.05 19.45 23.51
C LEU C 39 18.60 19.78 23.77
N ALA C 40 17.72 19.13 23.04
CA ALA C 40 16.31 19.35 23.23
C ALA C 40 15.67 18.03 23.57
N VAL C 41 14.82 18.05 24.59
CA VAL C 41 14.10 16.85 24.98
C VAL C 41 12.69 17.39 25.18
N GLY C 42 11.87 17.23 24.14
CA GLY C 42 10.52 17.75 24.20
C GLY C 42 10.67 19.25 24.07
N GLU C 43 10.02 20.01 24.94
CA GLU C 43 10.14 21.46 24.87
C GLU C 43 11.24 21.95 25.81
N TYR C 44 11.92 21.02 26.47
CA TYR C 44 13.01 21.39 27.37
C TYR C 44 14.25 21.56 26.54
N ARG C 45 14.94 22.68 26.74
CA ARG C 45 16.12 22.96 25.95
C ARG C 45 17.26 23.54 26.76
N GLY C 46 18.48 23.31 26.29
CA GLY C 46 19.64 23.83 26.98
C GLY C 46 20.94 23.31 26.38
N VAL C 47 22.01 23.41 27.15
CA VAL C 47 23.30 22.94 26.71
C VAL C 47 23.78 21.84 27.65
N VAL C 48 24.46 20.85 27.10
CA VAL C 48 24.99 19.73 27.87
C VAL C 48 26.49 19.78 27.78
N THR C 49 27.16 19.59 28.91
CA THR C 49 28.61 19.59 28.89
C THR C 49 29.05 18.31 29.56
N ALA C 50 29.95 17.60 28.91
CA ALA C 50 30.42 16.34 29.45
C ALA C 50 31.92 16.42 29.59
N ILE C 51 32.39 16.20 30.81
CA ILE C 51 33.82 16.24 31.09
C ILE C 51 34.27 14.90 31.63
N PRO C 52 35.10 14.19 30.86
CA PRO C 52 35.61 12.88 31.25
C PRO C 52 36.80 12.97 32.19
N ASP C 53 36.66 12.34 33.35
CA ASP C 53 37.72 12.33 34.34
C ASP C 53 38.39 10.96 34.33
N ILE C 54 39.48 10.85 33.57
CA ILE C 54 40.22 9.61 33.42
C ILE C 54 40.60 9.01 34.77
N ALA C 55 41.26 9.83 35.60
CA ALA C 55 41.71 9.41 36.92
C ALA C 55 40.68 8.52 37.61
N ARG C 56 39.47 9.06 37.79
CA ARG C 56 38.40 8.31 38.44
C ARG C 56 37.46 7.62 37.47
N HIS C 57 37.93 7.33 36.26
CA HIS C 57 37.11 6.70 35.23
C HIS C 57 35.62 6.98 35.39
N THR C 58 35.32 8.27 35.41
CA THR C 58 33.96 8.78 35.56
C THR C 58 33.71 9.84 34.50
N LEU C 59 32.44 10.18 34.29
CA LEU C 59 32.10 11.20 33.32
C LEU C 59 31.25 12.25 33.99
N HIS C 60 31.71 13.50 33.95
CA HIS C 60 30.99 14.58 34.58
C HIS C 60 30.10 15.28 33.57
N ILE C 61 28.81 15.30 33.89
CA ILE C 61 27.80 15.88 33.04
C ILE C 61 27.16 17.10 33.70
N ASN C 62 27.22 18.23 33.00
CA ASN C 62 26.60 19.43 33.51
C ASN C 62 25.43 19.76 32.59
N LEU C 63 24.34 20.24 33.17
CA LEU C 63 23.14 20.57 32.42
C LEU C 63 22.60 21.98 32.62
N SER C 64 22.43 22.71 31.52
CA SER C 64 21.85 24.05 31.56
C SER C 64 20.50 23.92 32.30
N ALA C 65 20.13 24.96 33.05
CA ALA C 65 18.87 24.94 33.81
C ALA C 65 17.68 24.47 33.01
N GLY C 66 17.64 24.79 31.73
CA GLY C 66 16.53 24.40 30.88
C GLY C 66 16.29 22.90 30.76
N LEU C 67 17.33 22.08 30.93
CA LEU C 67 17.17 20.63 30.80
C LEU C 67 17.03 19.91 32.14
N GLU C 68 17.20 20.66 33.22
CA GLU C 68 17.10 20.08 34.55
C GLU C 68 15.82 19.25 34.80
N PRO C 69 14.63 19.72 34.37
CA PRO C 69 13.44 18.90 34.60
C PRO C 69 13.48 17.51 33.92
N VAL C 70 14.39 17.31 32.97
CA VAL C 70 14.52 16.02 32.29
C VAL C 70 15.96 15.48 32.38
N ALA C 71 16.60 15.77 33.51
CA ALA C 71 17.98 15.36 33.77
C ALA C 71 18.30 13.90 33.40
N ALA C 72 17.53 12.95 33.92
CA ALA C 72 17.77 11.53 33.66
C ALA C 72 17.85 11.25 32.15
N GLU C 73 16.85 11.74 31.43
CA GLU C 73 16.79 11.55 30.00
C GLU C 73 18.11 12.03 29.35
N CYS C 74 18.59 13.20 29.76
CA CYS C 74 19.83 13.73 29.22
C CYS C 74 20.98 12.81 29.59
N LEU C 75 20.96 12.30 30.82
CA LEU C 75 22.00 11.41 31.26
C LEU C 75 22.01 10.14 30.40
N ALA C 76 20.84 9.57 30.17
CA ALA C 76 20.75 8.35 29.38
C ALA C 76 21.19 8.63 27.95
N LYS C 77 20.88 9.82 27.46
CA LYS C 77 21.28 10.14 26.09
C LYS C 77 22.82 10.27 26.02
N MET C 78 23.45 10.78 27.07
CA MET C 78 24.91 10.91 27.07
C MET C 78 25.54 9.52 27.16
N SER C 79 24.96 8.64 27.97
CA SER C 79 25.50 7.30 28.12
C SER C 79 25.39 6.50 26.82
N ARG C 80 24.37 6.76 26.02
CA ARG C 80 24.22 6.05 24.73
C ARG C 80 25.21 6.62 23.71
N LEU C 81 25.44 7.93 23.79
CA LEU C 81 26.38 8.56 22.88
C LEU C 81 27.80 8.07 23.15
N PHE C 82 28.13 7.86 24.43
CA PHE C 82 29.48 7.43 24.81
C PHE C 82 29.70 5.94 25.11
N ASP C 83 28.68 5.12 24.88
CA ASP C 83 28.77 3.68 25.11
C ASP C 83 29.38 3.33 26.49
N LEU C 84 28.85 3.96 27.53
CA LEU C 84 29.36 3.74 28.87
C LEU C 84 29.09 2.33 29.42
N GLN C 85 28.11 1.64 28.85
CA GLN C 85 27.77 0.28 29.29
C GLN C 85 28.77 -0.77 28.83
N CYS C 86 29.55 -0.44 27.80
CA CYS C 86 30.52 -1.36 27.25
C CYS C 86 31.47 -1.97 28.27
N ASN C 87 31.68 -3.27 28.14
CA ASN C 87 32.59 -4.04 28.98
C ASN C 87 33.75 -4.36 28.03
N PRO C 88 34.80 -3.52 28.00
CA PRO C 88 35.94 -3.78 27.10
C PRO C 88 36.56 -5.16 27.20
N GLN C 89 36.49 -5.76 28.39
CA GLN C 89 37.06 -7.08 28.57
C GLN C 89 36.30 -8.12 27.73
N ILE C 90 34.99 -7.97 27.61
CA ILE C 90 34.19 -8.92 26.81
C ILE C 90 34.37 -8.74 25.31
N VAL C 91 34.42 -7.50 24.85
CA VAL C 91 34.58 -7.25 23.42
C VAL C 91 36.01 -7.58 23.00
N ASN C 92 36.98 -6.90 23.63
CA ASN C 92 38.38 -7.14 23.32
C ASN C 92 38.74 -8.61 23.47
N GLY C 93 37.98 -9.32 24.30
CA GLY C 93 38.25 -10.73 24.50
C GLY C 93 37.74 -11.52 23.32
N ALA C 94 36.50 -11.25 22.91
CA ALA C 94 35.90 -11.95 21.79
C ALA C 94 36.44 -11.48 20.43
N LEU C 95 37.34 -10.50 20.43
CA LEU C 95 37.89 -9.99 19.18
C LEU C 95 39.37 -10.29 18.96
N GLY C 96 40.07 -10.65 20.04
CA GLY C 96 41.49 -10.97 19.93
C GLY C 96 42.37 -9.83 19.44
N ARG C 97 43.24 -10.15 18.49
CA ARG C 97 44.18 -9.19 17.92
C ARG C 97 43.56 -7.94 17.29
N LEU C 98 42.50 -8.15 16.50
CA LEU C 98 41.84 -7.04 15.81
C LEU C 98 41.63 -5.85 16.73
N GLY C 99 41.24 -6.14 17.96
CA GLY C 99 41.00 -5.10 18.93
C GLY C 99 42.00 -5.18 20.07
N ALA C 100 43.27 -4.97 19.75
CA ALA C 100 44.32 -5.02 20.74
C ALA C 100 45.11 -3.72 20.71
N ALA C 101 45.17 -3.10 19.54
CA ALA C 101 45.90 -1.83 19.37
C ALA C 101 45.16 -0.65 19.98
N ARG C 102 43.92 -0.88 20.42
CA ARG C 102 43.11 0.19 21.01
C ARG C 102 41.90 -0.43 21.70
N PRO C 103 42.12 -1.10 22.83
CA PRO C 103 41.03 -1.74 23.58
C PRO C 103 40.06 -0.77 24.26
N GLY C 104 40.33 0.52 24.13
CA GLY C 104 39.45 1.52 24.73
C GLY C 104 38.42 1.99 23.72
N LEU C 105 38.55 1.45 22.52
CA LEU C 105 37.65 1.75 21.40
C LEU C 105 36.19 1.58 21.84
N ARG C 106 35.38 2.62 21.64
CA ARG C 106 33.96 2.59 22.00
C ARG C 106 33.13 2.90 20.76
N LEU C 107 31.91 2.39 20.72
CA LEU C 107 31.03 2.67 19.60
C LEU C 107 30.40 4.04 19.81
N PRO C 108 30.71 5.00 18.94
CA PRO C 108 30.11 6.34 19.13
C PRO C 108 28.62 6.25 18.77
N GLY C 109 27.76 6.57 19.75
CA GLY C 109 26.33 6.52 19.51
C GLY C 109 25.82 7.87 19.05
N CYS C 110 24.61 8.21 19.45
CA CYS C 110 24.01 9.49 19.08
C CYS C 110 23.16 9.94 20.25
N VAL C 111 22.76 11.19 20.24
CA VAL C 111 21.95 11.71 21.33
C VAL C 111 20.47 11.67 20.96
N ASP C 112 20.20 11.48 19.66
CA ASP C 112 18.82 11.41 19.14
C ASP C 112 18.79 10.62 17.84
N ALA C 113 17.91 9.62 17.76
CA ALA C 113 17.83 8.78 16.56
C ALA C 113 17.48 9.55 15.27
N PHE C 114 16.55 10.50 15.34
CA PHE C 114 16.20 11.25 14.12
C PHE C 114 17.44 12.03 13.66
N GLU C 115 18.13 12.69 14.59
CA GLU C 115 19.32 13.45 14.23
C GLU C 115 20.29 12.51 13.54
N GLN C 116 20.52 11.35 14.13
CA GLN C 116 21.42 10.40 13.52
C GLN C 116 20.90 9.98 12.16
N GLY C 117 19.57 9.95 12.02
CA GLY C 117 18.97 9.57 10.76
C GLY C 117 19.32 10.60 9.71
N VAL C 118 19.20 11.87 10.09
CA VAL C 118 19.54 12.96 9.20
C VAL C 118 21.03 12.94 8.87
N ARG C 119 21.88 12.72 9.89
CA ARG C 119 23.32 12.69 9.66
C ARG C 119 23.70 11.59 8.69
N ALA C 120 23.14 10.41 8.90
CA ALA C 120 23.40 9.26 8.06
C ALA C 120 23.09 9.55 6.61
N ILE C 121 21.95 10.19 6.35
CA ILE C 121 21.57 10.48 4.97
C ILE C 121 22.50 11.53 4.39
N LEU C 122 22.75 12.60 5.14
CA LEU C 122 23.65 13.65 4.67
C LEU C 122 25.09 13.18 4.60
N GLY C 123 25.39 12.07 5.27
CA GLY C 123 26.75 11.57 5.24
C GLY C 123 26.99 10.68 4.04
N GLN C 124 26.01 10.61 3.14
CA GLN C 124 26.15 9.79 1.94
C GLN C 124 27.01 10.41 0.86
N LEU C 125 27.95 9.61 0.36
CA LEU C 125 28.84 10.02 -0.71
C LEU C 125 29.91 11.05 -0.34
N VAL C 126 29.49 12.25 0.08
CA VAL C 126 30.46 13.29 0.43
C VAL C 126 31.41 12.82 1.52
N SER C 127 32.44 13.64 1.78
CA SER C 127 33.44 13.32 2.80
C SER C 127 32.90 13.73 4.15
N VAL C 128 33.50 13.21 5.20
CA VAL C 128 33.10 13.55 6.55
C VAL C 128 33.04 15.06 6.75
N ALA C 129 34.05 15.76 6.22
CA ALA C 129 34.15 17.21 6.35
C ALA C 129 32.99 17.89 5.61
N MET C 130 32.63 17.34 4.47
CA MET C 130 31.55 17.91 3.69
C MET C 130 30.21 17.61 4.36
N ALA C 131 30.08 16.41 4.93
CA ALA C 131 28.85 16.04 5.59
C ALA C 131 28.61 17.00 6.74
N ALA C 132 29.63 17.20 7.57
CA ALA C 132 29.47 18.12 8.70
C ALA C 132 29.05 19.52 8.22
N LYS C 133 29.70 20.02 7.18
CA LYS C 133 29.39 21.34 6.67
C LYS C 133 27.95 21.38 6.16
N LEU C 134 27.60 20.37 5.39
CA LEU C 134 26.26 20.26 4.82
C LEU C 134 25.22 20.20 5.94
N THR C 135 25.51 19.45 6.97
CA THR C 135 24.60 19.34 8.09
C THR C 135 24.51 20.68 8.80
N ALA C 136 25.64 21.36 8.95
CA ALA C 136 25.67 22.66 9.61
C ALA C 136 24.71 23.64 8.92
N ARG C 137 24.61 23.54 7.60
CA ARG C 137 23.74 24.43 6.84
C ARG C 137 22.28 24.15 7.14
N VAL C 138 21.95 22.88 7.33
CA VAL C 138 20.57 22.49 7.61
C VAL C 138 20.17 22.98 9.00
N ALA C 139 21.06 22.82 9.97
CA ALA C 139 20.77 23.25 11.32
C ALA C 139 20.56 24.76 11.31
N GLN C 140 21.41 25.45 10.57
CA GLN C 140 21.36 26.90 10.49
C GLN C 140 20.06 27.47 9.93
N LEU C 141 19.39 26.70 9.08
CA LEU C 141 18.14 27.16 8.47
C LEU C 141 16.84 26.72 9.14
N TYR C 142 16.83 25.54 9.79
CA TYR C 142 15.60 25.04 10.39
C TYR C 142 15.69 24.81 11.90
N GLY C 143 16.90 24.90 12.44
CA GLY C 143 17.12 24.68 13.86
C GLY C 143 16.45 25.67 14.79
N GLU C 144 16.56 25.43 16.08
CA GLU C 144 15.96 26.29 17.10
C GLU C 144 17.10 26.96 17.86
N ARG C 145 17.05 28.27 18.02
CA ARG C 145 18.10 28.98 18.77
C ARG C 145 17.75 29.01 20.27
N LEU C 146 18.75 28.92 21.12
CA LEU C 146 18.52 28.96 22.57
C LEU C 146 18.67 30.41 23.04
N ASP C 147 17.61 30.94 23.66
CA ASP C 147 17.67 32.32 24.14
C ASP C 147 18.80 32.58 25.12
N ASP C 148 19.10 31.60 25.97
CA ASP C 148 20.17 31.75 26.95
C ASP C 148 21.55 31.43 26.37
N PHE C 149 21.58 30.95 25.13
CA PHE C 149 22.83 30.60 24.49
C PHE C 149 22.79 30.97 23.00
N PRO C 150 22.90 32.26 22.68
CA PRO C 150 22.87 32.73 21.28
C PRO C 150 23.90 32.09 20.33
N GLU C 151 24.95 31.48 20.89
CA GLU C 151 25.98 30.83 20.07
C GLU C 151 25.55 29.43 19.63
N TYR C 152 24.67 28.81 20.41
CA TYR C 152 24.18 27.46 20.13
C TYR C 152 22.87 27.42 19.39
N ILE C 153 22.67 26.33 18.67
CA ILE C 153 21.47 26.13 17.90
C ILE C 153 21.05 24.66 18.03
N CYS C 154 19.77 24.42 18.27
CA CYS C 154 19.27 23.05 18.40
C CYS C 154 19.19 22.38 17.04
N PHE C 155 19.54 21.10 16.99
CA PHE C 155 19.46 20.37 15.74
C PHE C 155 17.99 20.43 15.29
N PRO C 156 17.75 20.58 14.00
CA PRO C 156 16.37 20.65 13.52
C PRO C 156 15.51 19.47 14.00
N THR C 157 14.25 19.77 14.28
CA THR C 157 13.31 18.77 14.74
C THR C 157 12.55 18.19 13.55
N PRO C 158 11.85 17.08 13.77
CA PRO C 158 11.08 16.44 12.70
C PRO C 158 9.93 17.34 12.23
N GLN C 159 9.37 18.14 13.14
CA GLN C 159 8.28 19.04 12.78
C GLN C 159 8.69 20.11 11.78
N ARG C 160 9.93 20.59 11.85
CA ARG C 160 10.37 21.60 10.90
C ARG C 160 10.73 21.01 9.55
N LEU C 161 11.55 19.95 9.55
CA LEU C 161 11.96 19.33 8.29
C LEU C 161 10.81 18.71 7.51
N ALA C 162 9.80 18.20 8.21
CA ALA C 162 8.66 17.59 7.54
C ALA C 162 7.92 18.65 6.72
N ALA C 163 7.95 19.88 7.23
CA ALA C 163 7.28 21.02 6.59
C ALA C 163 8.19 21.73 5.60
N ALA C 164 9.47 21.40 5.61
CA ALA C 164 10.45 22.02 4.73
C ALA C 164 10.16 21.94 3.24
N ASP C 165 10.65 22.94 2.53
CA ASP C 165 10.51 23.02 1.09
C ASP C 165 11.66 22.22 0.46
N PRO C 166 11.33 21.19 -0.34
CA PRO C 166 12.36 20.37 -0.99
C PRO C 166 13.44 21.22 -1.64
N GLN C 167 12.98 22.25 -2.37
CA GLN C 167 13.88 23.16 -3.07
C GLN C 167 14.77 23.97 -2.13
N ALA C 168 14.28 24.24 -0.93
CA ALA C 168 15.06 25.00 0.04
C ALA C 168 16.28 24.19 0.48
N LEU C 169 16.04 22.92 0.78
CA LEU C 169 17.12 22.04 1.21
C LEU C 169 18.08 21.77 0.04
N LYS C 170 17.52 21.60 -1.15
CA LYS C 170 18.34 21.36 -2.33
C LYS C 170 19.34 22.49 -2.48
N ALA C 171 18.87 23.69 -2.21
CA ALA C 171 19.69 24.89 -2.33
C ALA C 171 20.89 24.92 -1.38
N LEU C 172 20.86 24.09 -0.34
CA LEU C 172 21.96 24.05 0.61
C LEU C 172 23.16 23.26 0.08
N GLY C 173 22.99 22.64 -1.09
CA GLY C 173 24.07 21.88 -1.68
C GLY C 173 23.89 20.37 -1.63
N MET C 174 22.68 19.90 -1.88
CA MET C 174 22.39 18.47 -1.86
C MET C 174 21.45 18.11 -3.00
N PRO C 175 21.51 16.87 -3.51
CA PRO C 175 20.61 16.50 -4.59
C PRO C 175 19.16 16.57 -4.10
N LEU C 176 18.23 16.81 -5.02
CA LEU C 176 16.82 16.88 -4.65
C LEU C 176 16.34 15.58 -3.97
N LYS C 177 16.90 14.44 -4.40
CA LYS C 177 16.54 13.12 -3.87
C LYS C 177 16.92 12.96 -2.41
N ARG C 178 18.02 13.59 -2.03
CA ARG C 178 18.48 13.54 -0.65
C ARG C 178 17.59 14.43 0.24
N ALA C 179 17.13 15.56 -0.29
CA ALA C 179 16.29 16.46 0.50
C ALA C 179 14.94 15.80 0.71
N GLU C 180 14.47 15.09 -0.32
CA GLU C 180 13.19 14.42 -0.19
C GLU C 180 13.34 13.28 0.82
N ALA C 181 14.52 12.70 0.88
CA ALA C 181 14.77 11.62 1.81
C ALA C 181 14.64 12.17 3.24
N LEU C 182 15.17 13.37 3.46
CA LEU C 182 15.09 14.01 4.77
C LEU C 182 13.65 14.32 5.14
N ILE C 183 12.91 14.90 4.21
CA ILE C 183 11.53 15.25 4.47
C ILE C 183 10.72 14.02 4.86
N HIS C 184 10.96 12.92 4.14
CA HIS C 184 10.26 11.67 4.41
C HIS C 184 10.70 11.09 5.75
N LEU C 185 11.99 11.21 6.10
CA LEU C 185 12.45 10.68 7.38
C LEU C 185 11.76 11.45 8.51
N ALA C 186 11.65 12.77 8.33
CA ALA C 186 11.02 13.61 9.33
C ALA C 186 9.55 13.23 9.48
N ASN C 187 8.87 12.96 8.37
CA ASN C 187 7.47 12.55 8.46
C ASN C 187 7.37 11.21 9.16
N ALA C 188 8.34 10.33 8.94
CA ALA C 188 8.33 9.04 9.60
C ALA C 188 8.49 9.24 11.11
N ALA C 189 9.42 10.10 11.49
CA ALA C 189 9.64 10.38 12.93
C ALA C 189 8.38 10.96 13.58
N LEU C 190 7.72 11.90 12.89
CA LEU C 190 6.51 12.49 13.46
C LEU C 190 5.43 11.44 13.66
N GLU C 191 5.36 10.51 12.71
CA GLU C 191 4.37 9.45 12.76
C GLU C 191 4.69 8.30 13.70
N GLY C 192 5.92 8.23 14.20
CA GLY C 192 6.27 7.14 15.10
C GLY C 192 6.76 5.92 14.34
N THR C 193 7.00 6.11 13.04
CA THR C 193 7.46 5.05 12.15
C THR C 193 8.98 4.82 12.15
N LEU C 194 9.73 5.74 12.73
CA LEU C 194 11.19 5.62 12.79
C LEU C 194 11.58 5.11 14.16
N PRO C 195 12.07 3.86 14.25
CA PRO C 195 12.46 3.30 15.55
C PRO C 195 13.50 4.20 16.21
N MET C 196 13.15 4.76 17.36
CA MET C 196 14.03 5.67 18.08
C MET C 196 14.88 4.92 19.10
N THR C 197 14.59 3.64 19.25
CA THR C 197 15.31 2.80 20.18
C THR C 197 15.56 1.47 19.49
N ILE C 198 16.69 0.84 19.78
CA ILE C 198 17.02 -0.43 19.14
C ILE C 198 15.89 -1.45 19.26
N PRO C 199 15.42 -1.97 18.11
CA PRO C 199 14.35 -2.96 18.10
C PRO C 199 14.92 -4.37 18.35
N GLY C 200 14.06 -5.31 18.74
CA GLY C 200 14.53 -6.65 19.02
C GLY C 200 15.06 -7.37 17.79
N ASP C 201 14.50 -7.04 16.64
CA ASP C 201 14.91 -7.67 15.38
C ASP C 201 15.54 -6.62 14.45
N VAL C 202 16.82 -6.34 14.69
CA VAL C 202 17.57 -5.36 13.92
C VAL C 202 17.56 -5.61 12.40
N GLU C 203 17.60 -6.88 12.02
CA GLU C 203 17.60 -7.24 10.60
C GLU C 203 16.29 -6.86 9.95
N GLN C 204 15.19 -7.17 10.63
CA GLN C 204 13.87 -6.86 10.12
C GLN C 204 13.70 -5.34 10.08
N ALA C 205 14.08 -4.69 11.17
CA ALA C 205 13.95 -3.24 11.27
C ALA C 205 14.69 -2.54 10.13
N MET C 206 15.94 -2.96 9.88
CA MET C 206 16.72 -2.36 8.83
C MET C 206 16.09 -2.58 7.45
N LYS C 207 15.57 -3.78 7.24
CA LYS C 207 14.94 -4.08 5.96
C LYS C 207 13.77 -3.12 5.72
N THR C 208 13.11 -2.73 6.81
CA THR C 208 11.99 -1.81 6.71
C THR C 208 12.51 -0.39 6.43
N LEU C 209 13.64 -0.04 7.03
CA LEU C 209 14.23 1.27 6.79
C LEU C 209 14.58 1.43 5.31
N GLN C 210 15.07 0.35 4.70
CA GLN C 210 15.45 0.39 3.29
C GLN C 210 14.31 0.66 2.33
N THR C 211 13.07 0.62 2.81
CA THR C 211 11.95 0.93 1.92
C THR C 211 11.74 2.46 1.92
N PHE C 212 12.43 3.15 2.83
CA PHE C 212 12.34 4.60 2.91
C PHE C 212 13.07 5.19 1.70
N PRO C 213 12.46 6.19 1.05
CA PRO C 213 13.19 6.74 -0.10
C PRO C 213 14.48 7.39 0.37
N GLY C 214 15.52 7.24 -0.44
CA GLY C 214 16.81 7.82 -0.11
C GLY C 214 17.65 6.97 0.81
N ILE C 215 17.05 5.91 1.38
CA ILE C 215 17.77 5.03 2.28
C ILE C 215 18.05 3.62 1.73
N GLY C 216 19.31 3.34 1.45
CA GLY C 216 19.69 2.03 0.94
C GLY C 216 20.27 1.21 2.08
N ARG C 217 20.91 0.09 1.74
CA ARG C 217 21.50 -0.81 2.75
C ARG C 217 22.60 -0.18 3.59
N TRP C 218 23.44 0.64 2.97
CA TRP C 218 24.53 1.27 3.69
C TRP C 218 23.95 2.16 4.80
N THR C 219 23.10 3.11 4.42
CA THR C 219 22.49 4.04 5.36
C THR C 219 21.76 3.32 6.49
N ALA C 220 21.04 2.25 6.16
CA ALA C 220 20.32 1.50 7.19
C ALA C 220 21.27 0.85 8.17
N ASN C 221 22.34 0.22 7.65
CA ASN C 221 23.35 -0.42 8.50
C ASN C 221 24.01 0.65 9.38
N TYR C 222 24.47 1.73 8.75
CA TYR C 222 25.16 2.79 9.49
C TYR C 222 24.24 3.43 10.52
N PHE C 223 22.97 3.52 10.20
CA PHE C 223 22.01 4.12 11.13
C PHE C 223 21.80 3.18 12.30
N ALA C 224 21.76 1.89 12.04
CA ALA C 224 21.58 0.94 13.11
C ALA C 224 22.80 0.99 14.05
N LEU C 225 23.99 0.99 13.48
CA LEU C 225 25.18 1.03 14.29
C LEU C 225 25.19 2.27 15.18
N ARG C 226 25.12 3.45 14.57
CA ARG C 226 25.14 4.71 15.32
C ARG C 226 23.81 5.09 16.02
N GLY C 227 22.71 5.02 15.27
CA GLY C 227 21.40 5.39 15.80
C GLY C 227 20.77 4.49 16.86
N TRP C 228 21.00 3.19 16.76
CA TRP C 228 20.45 2.26 17.73
C TRP C 228 21.59 1.67 18.56
N GLN C 229 22.82 2.00 18.17
CA GLN C 229 24.01 1.48 18.84
C GLN C 229 23.92 -0.04 18.84
N ALA C 230 23.42 -0.60 17.74
CA ALA C 230 23.32 -2.06 17.61
C ALA C 230 24.80 -2.51 17.56
N LYS C 231 25.15 -3.45 18.42
CA LYS C 231 26.54 -3.93 18.52
C LYS C 231 26.99 -5.02 17.54
N ASP C 232 26.07 -5.59 16.76
CA ASP C 232 26.49 -6.66 15.86
C ASP C 232 26.16 -6.45 14.39
N VAL C 233 26.58 -5.33 13.83
CA VAL C 233 26.31 -5.07 12.42
C VAL C 233 27.59 -4.65 11.72
N PHE C 234 27.74 -5.10 10.49
CA PHE C 234 28.92 -4.76 9.70
C PHE C 234 28.48 -3.90 8.50
N LEU C 235 29.45 -3.21 7.90
CA LEU C 235 29.15 -2.39 6.73
C LEU C 235 29.85 -2.95 5.49
N PRO C 236 29.42 -4.15 5.05
CA PRO C 236 30.04 -4.76 3.87
C PRO C 236 30.03 -3.88 2.63
N ASP C 237 29.18 -2.85 2.64
CA ASP C 237 29.03 -1.92 1.51
C ASP C 237 29.88 -0.66 1.63
N ASP C 238 30.42 -0.41 2.82
CA ASP C 238 31.23 0.78 3.06
C ASP C 238 32.42 0.92 2.10
N TYR C 239 32.76 2.16 1.76
CA TYR C 239 33.86 2.46 0.87
C TYR C 239 35.18 1.99 1.48
N LEU C 240 35.55 2.59 2.61
CA LEU C 240 36.79 2.23 3.31
C LEU C 240 36.88 0.73 3.59
N ILE C 241 35.73 0.10 3.81
CA ILE C 241 35.71 -1.33 4.08
C ILE C 241 36.09 -2.08 2.82
N LYS C 242 35.67 -1.57 1.66
CA LYS C 242 36.00 -2.22 0.40
C LYS C 242 37.50 -2.20 0.19
N GLN C 243 38.12 -1.08 0.56
CA GLN C 243 39.55 -0.95 0.41
C GLN C 243 40.27 -1.87 1.39
N ARG C 244 39.62 -2.16 2.51
CA ARG C 244 40.17 -3.03 3.55
C ARG C 244 40.03 -4.51 3.17
N PHE C 245 39.18 -4.80 2.18
CA PHE C 245 38.99 -6.18 1.72
C PHE C 245 39.05 -6.17 0.20
N PRO C 246 40.24 -5.89 -0.36
CA PRO C 246 40.43 -5.85 -1.82
C PRO C 246 40.02 -7.12 -2.56
N GLY C 247 39.35 -6.94 -3.69
CA GLY C 247 38.92 -8.07 -4.50
C GLY C 247 37.70 -8.82 -4.01
N MET C 248 37.24 -8.52 -2.79
CA MET C 248 36.08 -9.20 -2.24
C MET C 248 34.76 -8.43 -2.42
N THR C 249 33.71 -9.20 -2.68
CA THR C 249 32.38 -8.64 -2.88
C THR C 249 31.63 -8.57 -1.55
N PRO C 250 30.65 -7.66 -1.44
CA PRO C 250 29.86 -7.47 -0.23
C PRO C 250 29.54 -8.76 0.54
N ALA C 251 29.20 -9.82 -0.18
CA ALA C 251 28.85 -11.10 0.44
C ALA C 251 30.05 -11.87 0.98
N GLN C 252 31.22 -11.69 0.36
CA GLN C 252 32.42 -12.39 0.80
C GLN C 252 32.88 -11.75 2.10
N ILE C 253 32.92 -10.42 2.08
CA ILE C 253 33.31 -9.62 3.22
C ILE C 253 32.38 -9.97 4.38
N ARG C 254 31.10 -10.09 4.05
CA ARG C 254 30.05 -10.39 5.03
C ARG C 254 30.15 -11.82 5.59
N ARG C 255 30.66 -12.75 4.79
CA ARG C 255 30.83 -14.12 5.24
C ARG C 255 32.01 -14.14 6.20
N TYR C 256 33.00 -13.31 5.89
CA TYR C 256 34.21 -13.20 6.69
C TYR C 256 33.91 -12.58 8.05
N ALA C 257 33.13 -11.50 8.04
CA ALA C 257 32.77 -10.79 9.27
C ALA C 257 31.98 -11.65 10.27
N GLU C 258 31.39 -12.75 9.81
CA GLU C 258 30.64 -13.62 10.71
C GLU C 258 31.50 -14.16 11.85
N ARG C 259 32.81 -14.11 11.66
CA ARG C 259 33.73 -14.62 12.68
C ARG C 259 33.74 -13.73 13.92
N TRP C 260 33.43 -12.45 13.75
CA TRP C 260 33.43 -11.55 14.88
C TRP C 260 32.10 -11.41 15.60
N LYS C 261 31.12 -12.23 15.21
CA LYS C 261 29.81 -12.20 15.84
C LYS C 261 29.99 -12.52 17.32
N PRO C 262 29.16 -11.93 18.21
CA PRO C 262 28.08 -10.97 17.95
C PRO C 262 28.54 -9.55 18.26
N TRP C 263 29.77 -9.25 17.89
CA TRP C 263 30.34 -7.94 18.15
C TRP C 263 30.86 -7.29 16.88
N ARG C 264 30.21 -7.60 15.77
CA ARG C 264 30.61 -7.06 14.47
C ARG C 264 30.69 -5.54 14.35
N SER C 265 29.81 -4.82 15.06
CA SER C 265 29.85 -3.36 15.01
C SER C 265 31.23 -2.89 15.47
N TYR C 266 31.73 -3.48 16.55
CA TYR C 266 33.04 -3.14 17.11
C TYR C 266 34.16 -3.50 16.12
N ALA C 267 34.13 -4.72 15.61
CA ALA C 267 35.14 -5.14 14.66
C ALA C 267 35.16 -4.10 13.56
N LEU C 268 33.98 -3.80 13.03
CA LEU C 268 33.87 -2.81 11.97
C LEU C 268 34.64 -1.54 12.31
N LEU C 269 34.55 -1.12 13.56
CA LEU C 269 35.25 0.09 13.96
C LEU C 269 36.78 -0.11 13.96
N HIS C 270 37.24 -1.19 14.57
CA HIS C 270 38.67 -1.45 14.61
C HIS C 270 39.27 -1.53 13.21
N ILE C 271 38.69 -2.36 12.35
CA ILE C 271 39.21 -2.49 11.00
C ILE C 271 39.20 -1.12 10.34
N TRP C 272 38.15 -0.35 10.61
CA TRP C 272 38.03 1.00 10.06
C TRP C 272 39.24 1.84 10.48
N TYR C 273 39.61 1.73 11.75
CA TYR C 273 40.72 2.50 12.30
C TYR C 273 42.05 1.76 12.46
N THR C 274 42.43 1.04 11.41
CA THR C 274 43.70 0.29 11.36
C THR C 274 44.07 0.29 9.87
N GLU C 275 44.91 1.25 9.48
CA GLU C 275 45.32 1.38 8.09
C GLU C 275 45.97 0.12 7.52
N GLY C 276 46.83 -0.52 8.30
CA GLY C 276 47.52 -1.71 7.82
C GLY C 276 46.68 -2.94 7.58
N TRP C 277 45.73 -3.19 8.48
CA TRP C 277 44.87 -4.38 8.41
C TRP C 277 44.55 -4.90 7.01
N GLN C 278 44.36 -6.22 6.95
CA GLN C 278 44.03 -6.94 5.74
C GLN C 278 43.60 -8.35 6.16
N PRO C 279 42.67 -8.95 5.40
CA PRO C 279 42.16 -10.30 5.69
C PRO C 279 43.12 -11.49 5.54
N ASP C 280 42.70 -12.63 6.09
CA ASP C 280 43.48 -13.87 6.00
C ASP C 280 43.02 -14.64 4.79
N GLU C 281 43.86 -14.66 3.75
CA GLU C 281 43.55 -15.37 2.52
C GLU C 281 43.42 -16.86 2.83
N ALA C 282 42.24 -17.25 3.32
CA ALA C 282 41.98 -18.65 3.67
C ALA C 282 42.00 -19.54 2.44
N MET D 1 -24.72 -17.07 -40.00
CA MET D 1 -23.76 -16.90 -41.12
C MET D 1 -23.36 -15.44 -41.38
N TYR D 2 -22.53 -14.89 -40.50
CA TYR D 2 -22.08 -13.50 -40.63
C TYR D 2 -20.84 -13.42 -41.50
N THR D 3 -20.35 -12.21 -41.74
CA THR D 3 -19.18 -12.02 -42.58
C THR D 3 -18.35 -10.81 -42.19
N LEU D 4 -17.02 -10.97 -42.20
CA LEU D 4 -16.09 -9.90 -41.85
C LEU D 4 -14.98 -9.74 -42.89
N ASN D 5 -14.56 -8.50 -43.11
CA ASN D 5 -13.52 -8.22 -44.10
C ASN D 5 -12.10 -8.27 -43.56
N TRP D 6 -11.15 -8.44 -44.49
CA TRP D 6 -9.73 -8.44 -44.16
C TRP D 6 -9.01 -7.96 -45.41
N GLN D 7 -7.86 -7.33 -45.22
CA GLN D 7 -7.07 -6.82 -46.34
C GLN D 7 -6.00 -7.84 -46.72
N PRO D 8 -5.76 -8.02 -48.03
CA PRO D 8 -4.75 -8.97 -48.49
C PRO D 8 -3.35 -8.39 -48.41
N PRO D 9 -2.35 -9.26 -48.30
CA PRO D 9 -2.53 -10.71 -48.27
C PRO D 9 -2.76 -11.27 -46.87
N TYR D 10 -3.29 -12.48 -46.78
CA TYR D 10 -3.53 -13.15 -45.51
C TYR D 10 -3.12 -14.62 -45.64
N ASP D 11 -2.10 -15.02 -44.88
CA ASP D 11 -1.60 -16.40 -44.92
C ASP D 11 -2.41 -17.28 -43.97
N TRP D 12 -3.58 -17.73 -44.45
CA TRP D 12 -4.45 -18.56 -43.64
C TRP D 12 -3.83 -19.88 -43.25
N SER D 13 -3.14 -20.50 -44.21
CA SER D 13 -2.49 -21.77 -43.98
C SER D 13 -1.58 -21.64 -42.75
N TRP D 14 -0.78 -20.58 -42.72
CA TRP D 14 0.13 -20.34 -41.61
C TRP D 14 -0.63 -20.10 -40.29
N MET D 15 -1.69 -19.29 -40.34
CA MET D 15 -2.49 -18.99 -39.15
C MET D 15 -3.18 -20.23 -38.58
N LEU D 16 -3.94 -20.93 -39.43
CA LEU D 16 -4.62 -22.13 -38.98
C LEU D 16 -3.59 -23.12 -38.43
N GLY D 17 -2.41 -23.14 -39.06
CA GLY D 17 -1.34 -24.02 -38.61
C GLY D 17 -0.90 -23.67 -37.21
N PHE D 18 -0.75 -22.37 -36.93
CA PHE D 18 -0.32 -21.92 -35.61
C PHE D 18 -1.39 -22.26 -34.57
N LEU D 19 -2.66 -22.13 -34.95
CA LEU D 19 -3.75 -22.43 -34.03
C LEU D 19 -3.93 -23.94 -33.85
N ALA D 20 -3.72 -24.67 -34.94
CA ALA D 20 -3.85 -26.11 -34.92
C ALA D 20 -2.88 -26.78 -33.94
N ALA D 21 -1.63 -26.32 -33.93
CA ALA D 21 -0.63 -26.91 -33.04
C ALA D 21 -0.98 -26.69 -31.58
N ARG D 22 -1.67 -25.59 -31.31
CA ARG D 22 -2.03 -25.24 -29.94
C ARG D 22 -3.47 -25.58 -29.61
N ALA D 23 -4.20 -26.08 -30.60
CA ALA D 23 -5.60 -26.43 -30.43
C ALA D 23 -5.80 -27.28 -29.19
N VAL D 24 -6.82 -26.94 -28.41
CA VAL D 24 -7.13 -27.68 -27.20
C VAL D 24 -8.32 -28.59 -27.47
N SER D 25 -8.08 -29.90 -27.32
CA SER D 25 -9.09 -30.94 -27.55
C SER D 25 -10.45 -30.68 -26.87
N SER D 26 -11.51 -30.80 -27.67
CA SER D 26 -12.90 -30.60 -27.22
C SER D 26 -13.30 -29.12 -27.22
N VAL D 27 -12.31 -28.23 -27.15
CA VAL D 27 -12.58 -26.79 -27.15
C VAL D 27 -12.52 -26.23 -28.56
N GLU D 28 -11.41 -26.50 -29.24
CA GLU D 28 -11.19 -26.04 -30.60
C GLU D 28 -11.08 -27.19 -31.58
N THR D 29 -11.46 -26.94 -32.83
CA THR D 29 -11.37 -27.92 -33.91
C THR D 29 -10.75 -27.15 -35.08
N VAL D 30 -9.55 -27.55 -35.47
CA VAL D 30 -8.89 -26.85 -36.56
C VAL D 30 -8.67 -27.73 -37.79
N ALA D 31 -9.01 -27.18 -38.95
CA ALA D 31 -8.84 -27.88 -40.20
C ALA D 31 -8.26 -26.85 -41.16
N ASP D 32 -7.85 -27.28 -42.34
CA ASP D 32 -7.26 -26.33 -43.28
C ASP D 32 -8.24 -25.39 -43.95
N SER D 33 -9.53 -25.60 -43.75
CA SER D 33 -10.51 -24.73 -44.39
C SER D 33 -11.42 -24.02 -43.38
N TYR D 34 -11.25 -24.31 -42.09
CA TYR D 34 -12.08 -23.66 -41.07
C TYR D 34 -11.60 -23.88 -39.64
N TYR D 35 -11.98 -22.93 -38.78
CA TYR D 35 -11.65 -22.94 -37.37
C TYR D 35 -12.99 -22.97 -36.66
N ALA D 36 -13.08 -23.69 -35.54
CA ALA D 36 -14.33 -23.75 -34.81
C ALA D 36 -14.01 -23.98 -33.35
N ARG D 37 -14.86 -23.47 -32.46
CA ARG D 37 -14.61 -23.65 -31.04
C ARG D 37 -15.82 -23.28 -30.18
N SER D 38 -15.84 -23.78 -28.95
CA SER D 38 -16.92 -23.47 -28.03
C SER D 38 -16.65 -22.02 -27.66
N LEU D 39 -17.68 -21.31 -27.23
CA LEU D 39 -17.49 -19.92 -26.89
C LEU D 39 -18.51 -19.48 -25.86
N ALA D 40 -18.00 -18.91 -24.78
CA ALA D 40 -18.88 -18.43 -23.74
C ALA D 40 -18.77 -16.92 -23.63
N VAL D 41 -19.91 -16.26 -23.49
CA VAL D 41 -19.97 -14.80 -23.33
C VAL D 41 -21.01 -14.59 -22.25
N GLY D 42 -20.55 -14.39 -21.02
CA GLY D 42 -21.48 -14.23 -19.92
C GLY D 42 -22.13 -15.57 -19.70
N GLU D 43 -23.45 -15.63 -19.72
CA GLU D 43 -24.15 -16.89 -19.51
C GLU D 43 -24.54 -17.54 -20.84
N TYR D 44 -24.25 -16.86 -21.95
CA TYR D 44 -24.55 -17.37 -23.29
C TYR D 44 -23.43 -18.29 -23.76
N ARG D 45 -23.79 -19.41 -24.36
CA ARG D 45 -22.79 -20.36 -24.83
C ARG D 45 -23.21 -21.02 -26.13
N GLY D 46 -22.20 -21.44 -26.91
CA GLY D 46 -22.46 -22.08 -28.19
C GLY D 46 -21.17 -22.47 -28.89
N VAL D 47 -21.26 -22.61 -30.21
CA VAL D 47 -20.11 -22.99 -31.01
C VAL D 47 -19.91 -22.05 -32.21
N VAL D 48 -18.69 -21.53 -32.34
CA VAL D 48 -18.33 -20.63 -33.42
C VAL D 48 -17.58 -21.39 -34.50
N THR D 49 -17.86 -21.06 -35.75
CA THR D 49 -17.23 -21.67 -36.92
C THR D 49 -16.73 -20.56 -37.84
N ALA D 50 -15.44 -20.50 -38.07
CA ALA D 50 -14.87 -19.46 -38.93
C ALA D 50 -14.35 -20.05 -40.24
N ILE D 51 -14.97 -19.64 -41.34
CA ILE D 51 -14.58 -20.14 -42.65
C ILE D 51 -14.02 -19.02 -43.52
N PRO D 52 -12.73 -19.08 -43.84
CA PRO D 52 -12.16 -18.03 -44.68
C PRO D 52 -12.57 -18.09 -46.14
N ASP D 53 -12.79 -16.93 -46.73
CA ASP D 53 -13.17 -16.84 -48.12
C ASP D 53 -12.07 -16.06 -48.84
N ILE D 54 -11.06 -16.79 -49.32
CA ILE D 54 -9.95 -16.19 -50.03
C ILE D 54 -10.45 -15.50 -51.28
N ALA D 55 -11.45 -16.11 -51.90
CA ALA D 55 -12.03 -15.56 -53.11
C ALA D 55 -12.43 -14.11 -52.87
N ARG D 56 -13.24 -13.86 -51.84
CA ARG D 56 -13.68 -12.49 -51.57
C ARG D 56 -13.02 -11.76 -50.38
N HIS D 57 -11.79 -12.13 -50.04
CA HIS D 57 -11.07 -11.48 -48.93
C HIS D 57 -12.00 -11.29 -47.73
N THR D 58 -12.79 -12.31 -47.46
CA THR D 58 -13.77 -12.25 -46.40
C THR D 58 -13.67 -13.42 -45.44
N LEU D 59 -14.22 -13.26 -44.24
CA LEU D 59 -14.23 -14.34 -43.25
C LEU D 59 -15.68 -14.56 -42.81
N HIS D 60 -16.20 -15.75 -43.12
CA HIS D 60 -17.59 -16.11 -42.78
C HIS D 60 -17.66 -16.73 -41.41
N ILE D 61 -18.43 -16.11 -40.52
CA ILE D 61 -18.58 -16.63 -39.17
C ILE D 61 -20.00 -17.12 -38.95
N ASN D 62 -20.12 -18.30 -38.37
CA ASN D 62 -21.43 -18.83 -38.05
C ASN D 62 -21.47 -19.11 -36.57
N LEU D 63 -22.62 -18.84 -35.96
CA LEU D 63 -22.82 -19.05 -34.53
C LEU D 63 -24.01 -19.97 -34.30
N SER D 64 -23.94 -20.77 -33.25
CA SER D 64 -25.07 -21.63 -32.93
C SER D 64 -26.14 -20.67 -32.39
N ALA D 65 -27.33 -21.18 -32.09
CA ALA D 65 -28.41 -20.32 -31.62
C ALA D 65 -28.15 -19.70 -30.25
N GLY D 66 -27.55 -20.47 -29.34
CA GLY D 66 -27.27 -19.98 -28.01
C GLY D 66 -26.33 -18.80 -27.90
N LEU D 67 -25.67 -18.42 -29.00
CA LEU D 67 -24.76 -17.28 -28.98
C LEU D 67 -25.32 -16.10 -29.76
N GLU D 68 -26.29 -16.39 -30.63
CA GLU D 68 -26.92 -15.36 -31.44
C GLU D 68 -27.30 -14.10 -30.65
N PRO D 69 -27.76 -14.26 -29.39
CA PRO D 69 -28.13 -13.07 -28.60
C PRO D 69 -26.96 -12.11 -28.38
N VAL D 70 -25.74 -12.63 -28.36
CA VAL D 70 -24.57 -11.80 -28.18
C VAL D 70 -23.68 -11.93 -29.42
N ALA D 71 -24.33 -12.02 -30.57
CA ALA D 71 -23.63 -12.16 -31.84
C ALA D 71 -22.48 -11.18 -32.07
N ALA D 72 -22.76 -9.89 -31.92
CA ALA D 72 -21.75 -8.86 -32.13
C ALA D 72 -20.45 -9.09 -31.35
N GLU D 73 -20.52 -9.38 -30.05
CA GLU D 73 -19.29 -9.63 -29.28
C GLU D 73 -18.53 -10.85 -29.82
N CYS D 74 -19.27 -11.87 -30.27
CA CYS D 74 -18.64 -13.06 -30.83
C CYS D 74 -17.80 -12.69 -32.05
N LEU D 75 -18.36 -11.85 -32.92
CA LEU D 75 -17.64 -11.42 -34.12
C LEU D 75 -16.41 -10.59 -33.74
N ALA D 76 -16.53 -9.81 -32.67
CA ALA D 76 -15.40 -9.00 -32.21
C ALA D 76 -14.31 -9.93 -31.73
N LYS D 77 -14.72 -10.97 -31.00
CA LYS D 77 -13.76 -11.94 -30.46
C LYS D 77 -13.03 -12.66 -31.59
N MET D 78 -13.74 -13.01 -32.66
CA MET D 78 -13.10 -13.67 -33.78
C MET D 78 -12.17 -12.71 -34.54
N SER D 79 -12.54 -11.43 -34.58
CA SER D 79 -11.71 -10.47 -35.30
C SER D 79 -10.41 -10.16 -34.55
N ARG D 80 -10.41 -10.36 -33.24
CA ARG D 80 -9.19 -10.10 -32.48
C ARG D 80 -8.32 -11.36 -32.57
N LEU D 81 -8.97 -12.51 -32.66
CA LEU D 81 -8.23 -13.75 -32.76
C LEU D 81 -7.49 -13.83 -34.09
N PHE D 82 -8.16 -13.40 -35.16
CA PHE D 82 -7.58 -13.47 -36.49
C PHE D 82 -6.90 -12.23 -37.01
N ASP D 83 -6.84 -11.19 -36.18
CA ASP D 83 -6.15 -9.95 -36.56
C ASP D 83 -6.69 -9.34 -37.87
N LEU D 84 -8.01 -9.26 -37.99
CA LEU D 84 -8.63 -8.71 -39.19
C LEU D 84 -8.36 -7.23 -39.45
N GLN D 85 -7.99 -6.49 -38.41
CA GLN D 85 -7.72 -5.06 -38.57
C GLN D 85 -6.41 -4.74 -39.29
N CYS D 86 -5.52 -5.71 -39.38
CA CYS D 86 -4.20 -5.53 -39.98
C CYS D 86 -4.11 -5.07 -41.42
N ASN D 87 -3.29 -4.04 -41.64
CA ASN D 87 -3.03 -3.54 -42.98
C ASN D 87 -1.60 -4.01 -43.26
N PRO D 88 -1.45 -5.19 -43.88
CA PRO D 88 -0.10 -5.69 -44.17
C PRO D 88 0.84 -4.79 -44.96
N GLN D 89 0.33 -4.01 -45.92
CA GLN D 89 1.24 -3.14 -46.65
C GLN D 89 1.84 -2.08 -45.74
N ILE D 90 1.23 -1.85 -44.57
CA ILE D 90 1.77 -0.88 -43.63
C ILE D 90 2.83 -1.54 -42.74
N VAL D 91 2.56 -2.76 -42.30
CA VAL D 91 3.49 -3.48 -41.45
C VAL D 91 4.77 -3.83 -42.23
N ASN D 92 4.58 -4.47 -43.38
CA ASN D 92 5.69 -4.87 -44.22
C ASN D 92 6.37 -3.68 -44.86
N GLY D 93 5.64 -2.59 -45.02
CA GLY D 93 6.23 -1.41 -45.60
C GLY D 93 7.17 -0.82 -44.56
N ALA D 94 7.02 -1.30 -43.32
CA ALA D 94 7.85 -0.82 -42.23
C ALA D 94 8.92 -1.84 -41.86
N LEU D 95 8.55 -3.12 -41.83
CA LEU D 95 9.49 -4.18 -41.48
C LEU D 95 10.49 -4.45 -42.61
N GLY D 96 10.08 -4.15 -43.84
CA GLY D 96 10.94 -4.37 -44.98
C GLY D 96 11.23 -5.83 -45.28
N ARG D 97 12.52 -6.12 -45.48
CA ARG D 97 13.00 -7.46 -45.82
C ARG D 97 12.54 -8.56 -44.87
N LEU D 98 12.54 -8.28 -43.58
CA LEU D 98 12.13 -9.26 -42.58
C LEU D 98 10.75 -9.85 -42.87
N GLY D 99 9.84 -9.04 -43.40
CA GLY D 99 8.50 -9.52 -43.68
C GLY D 99 8.19 -9.91 -45.12
N ALA D 100 9.12 -9.63 -46.03
CA ALA D 100 8.92 -9.92 -47.45
C ALA D 100 8.61 -11.37 -47.84
N ALA D 101 9.09 -12.34 -47.06
CA ALA D 101 8.84 -13.73 -47.40
C ALA D 101 7.43 -14.20 -47.05
N ARG D 102 6.92 -13.74 -45.91
CA ARG D 102 5.59 -14.13 -45.44
C ARG D 102 4.76 -12.87 -45.18
N PRO D 103 4.48 -12.09 -46.23
CA PRO D 103 3.69 -10.86 -46.06
C PRO D 103 2.29 -11.08 -45.49
N GLY D 104 1.77 -12.30 -45.60
CA GLY D 104 0.44 -12.57 -45.09
C GLY D 104 0.38 -12.88 -43.61
N LEU D 105 1.51 -12.77 -42.93
CA LEU D 105 1.59 -13.05 -41.50
C LEU D 105 0.64 -12.15 -40.71
N ARG D 106 0.03 -12.73 -39.68
CA ARG D 106 -0.88 -12.00 -38.81
C ARG D 106 -0.56 -12.38 -37.37
N LEU D 107 -1.00 -11.56 -36.42
CA LEU D 107 -0.74 -11.86 -35.02
C LEU D 107 -1.91 -12.67 -34.47
N PRO D 108 -1.67 -13.92 -34.05
CA PRO D 108 -2.73 -14.78 -33.50
C PRO D 108 -3.18 -14.27 -32.15
N GLY D 109 -4.39 -13.75 -32.06
CA GLY D 109 -4.84 -13.23 -30.78
C GLY D 109 -5.38 -14.30 -29.87
N CYS D 110 -6.42 -13.95 -29.15
CA CYS D 110 -7.09 -14.88 -28.28
C CYS D 110 -8.54 -14.45 -28.36
N VAL D 111 -9.42 -15.29 -27.86
CA VAL D 111 -10.83 -14.97 -27.89
C VAL D 111 -11.26 -14.39 -26.54
N ASP D 112 -10.40 -14.51 -25.54
CA ASP D 112 -10.68 -14.03 -24.21
C ASP D 112 -9.36 -13.91 -23.43
N ALA D 113 -9.08 -12.73 -22.89
CA ALA D 113 -7.83 -12.53 -22.17
C ALA D 113 -7.58 -13.50 -21.02
N PHE D 114 -8.61 -13.79 -20.24
CA PHE D 114 -8.41 -14.73 -19.13
C PHE D 114 -7.88 -16.09 -19.63
N GLU D 115 -8.54 -16.65 -20.65
CA GLU D 115 -8.13 -17.92 -21.23
C GLU D 115 -6.68 -17.85 -21.66
N GLN D 116 -6.33 -16.78 -22.37
CA GLN D 116 -4.98 -16.56 -22.89
C GLN D 116 -3.97 -16.52 -21.74
N GLY D 117 -4.36 -15.91 -20.64
CA GLY D 117 -3.49 -15.86 -19.48
C GLY D 117 -3.22 -17.27 -18.98
N VAL D 118 -4.27 -18.09 -18.91
CA VAL D 118 -4.14 -19.48 -18.46
C VAL D 118 -3.22 -20.26 -19.40
N ARG D 119 -3.39 -20.04 -20.70
CA ARG D 119 -2.59 -20.73 -21.68
C ARG D 119 -1.14 -20.29 -21.61
N ALA D 120 -0.92 -19.01 -21.36
CA ALA D 120 0.42 -18.48 -21.26
C ALA D 120 1.08 -19.21 -20.11
N ILE D 121 0.39 -19.27 -18.98
CA ILE D 121 0.92 -19.94 -17.80
C ILE D 121 1.17 -21.43 -18.02
N LEU D 122 0.19 -22.13 -18.58
CA LEU D 122 0.35 -23.56 -18.82
C LEU D 122 1.30 -23.84 -19.99
N GLY D 123 1.94 -22.80 -20.51
CA GLY D 123 2.85 -23.00 -21.63
C GLY D 123 4.30 -22.77 -21.25
N GLN D 124 4.50 -22.46 -19.97
CA GLN D 124 5.84 -22.21 -19.45
C GLN D 124 6.71 -23.47 -19.39
N LEU D 125 7.93 -23.34 -19.88
CA LEU D 125 8.91 -24.42 -19.86
C LEU D 125 8.60 -25.65 -20.71
N VAL D 126 7.36 -26.13 -20.69
CA VAL D 126 7.00 -27.32 -21.48
C VAL D 126 6.89 -27.07 -22.98
N SER D 127 6.70 -28.15 -23.74
CA SER D 127 6.60 -28.06 -25.19
C SER D 127 5.21 -27.61 -25.60
N VAL D 128 5.11 -27.14 -26.83
CA VAL D 128 3.82 -26.68 -27.35
C VAL D 128 2.79 -27.80 -27.27
N ALA D 129 3.09 -28.96 -27.84
CA ALA D 129 2.15 -30.08 -27.82
C ALA D 129 1.78 -30.52 -26.41
N MET D 130 2.68 -30.27 -25.47
CA MET D 130 2.46 -30.66 -24.10
C MET D 130 1.47 -29.69 -23.46
N ALA D 131 1.71 -28.39 -23.63
CA ALA D 131 0.82 -27.38 -23.06
C ALA D 131 -0.59 -27.64 -23.58
N ALA D 132 -0.70 -28.01 -24.85
CA ALA D 132 -1.99 -28.27 -25.45
C ALA D 132 -2.74 -29.41 -24.74
N LYS D 133 -2.05 -30.53 -24.53
CA LYS D 133 -2.65 -31.69 -23.88
C LYS D 133 -2.96 -31.34 -22.43
N LEU D 134 -2.02 -30.66 -21.78
CA LEU D 134 -2.19 -30.27 -20.39
C LEU D 134 -3.42 -29.36 -20.23
N THR D 135 -3.49 -28.33 -21.07
CA THR D 135 -4.59 -27.38 -21.03
C THR D 135 -5.91 -28.09 -21.30
N ALA D 136 -5.88 -29.13 -22.12
CA ALA D 136 -7.11 -29.85 -22.44
C ALA D 136 -7.67 -30.58 -21.23
N ARG D 137 -6.78 -31.02 -20.35
CA ARG D 137 -7.18 -31.76 -19.15
C ARG D 137 -7.83 -30.80 -18.17
N VAL D 138 -7.35 -29.56 -18.18
CA VAL D 138 -7.90 -28.55 -17.30
C VAL D 138 -9.28 -28.16 -17.78
N ALA D 139 -9.42 -28.02 -19.09
CA ALA D 139 -10.69 -27.65 -19.67
C ALA D 139 -11.64 -28.83 -19.47
N GLN D 140 -11.05 -30.01 -19.39
CA GLN D 140 -11.80 -31.24 -19.19
C GLN D 140 -12.44 -31.30 -17.81
N LEU D 141 -11.68 -30.90 -16.80
CA LEU D 141 -12.14 -30.94 -15.43
C LEU D 141 -12.95 -29.75 -14.95
N TYR D 142 -12.74 -28.59 -15.56
CA TYR D 142 -13.44 -27.38 -15.13
C TYR D 142 -14.32 -26.72 -16.18
N GLY D 143 -14.39 -27.31 -17.37
CA GLY D 143 -15.20 -26.74 -18.41
C GLY D 143 -16.69 -27.04 -18.36
N GLU D 144 -17.47 -26.13 -18.92
CA GLU D 144 -18.91 -26.27 -18.98
C GLU D 144 -19.23 -26.94 -20.33
N ARG D 145 -19.78 -28.15 -20.29
CA ARG D 145 -20.10 -28.83 -21.53
C ARG D 145 -21.37 -28.22 -22.13
N LEU D 146 -21.40 -28.11 -23.46
CA LEU D 146 -22.54 -27.54 -24.18
C LEU D 146 -23.67 -28.57 -24.40
N ASP D 147 -24.89 -28.24 -23.96
CA ASP D 147 -26.02 -29.15 -24.13
C ASP D 147 -26.36 -29.28 -25.61
N ASP D 148 -26.30 -28.15 -26.29
CA ASP D 148 -26.59 -28.07 -27.73
C ASP D 148 -25.56 -28.85 -28.57
N PHE D 149 -24.33 -28.90 -28.09
CA PHE D 149 -23.23 -29.58 -28.79
C PHE D 149 -22.36 -30.32 -27.78
N PRO D 150 -22.78 -31.53 -27.36
CA PRO D 150 -22.07 -32.37 -26.39
C PRO D 150 -20.58 -32.56 -26.67
N GLU D 151 -20.24 -32.66 -27.95
CA GLU D 151 -18.86 -32.86 -28.38
C GLU D 151 -17.92 -31.74 -27.90
N TYR D 152 -18.44 -30.52 -27.79
CA TYR D 152 -17.64 -29.37 -27.35
C TYR D 152 -17.74 -29.09 -25.86
N ILE D 153 -16.83 -28.26 -25.37
CA ILE D 153 -16.78 -27.88 -23.97
C ILE D 153 -16.19 -26.46 -23.84
N CYS D 154 -16.85 -25.63 -23.05
CA CYS D 154 -16.40 -24.25 -22.84
C CYS D 154 -15.14 -24.18 -22.01
N PHE D 155 -14.29 -23.22 -22.31
CA PHE D 155 -13.04 -23.04 -21.57
C PHE D 155 -13.41 -22.70 -20.14
N PRO D 156 -12.61 -23.16 -19.17
CA PRO D 156 -12.88 -22.88 -17.77
C PRO D 156 -13.15 -21.40 -17.57
N THR D 157 -13.87 -21.08 -16.50
CA THR D 157 -14.20 -19.69 -16.17
C THR D 157 -13.38 -19.29 -14.96
N PRO D 158 -13.27 -17.98 -14.71
CA PRO D 158 -12.51 -17.49 -13.56
C PRO D 158 -13.09 -17.95 -12.22
N GLN D 159 -14.42 -17.99 -12.12
CA GLN D 159 -15.05 -18.41 -10.87
C GLN D 159 -14.87 -19.90 -10.62
N ARG D 160 -14.73 -20.65 -11.70
CA ARG D 160 -14.55 -22.10 -11.62
C ARG D 160 -13.09 -22.45 -11.28
N LEU D 161 -12.15 -21.65 -11.73
CA LEU D 161 -10.74 -21.92 -11.43
C LEU D 161 -10.29 -21.23 -10.15
N ALA D 162 -11.05 -20.24 -9.71
CA ALA D 162 -10.71 -19.50 -8.49
C ALA D 162 -11.05 -20.35 -7.29
N ALA D 163 -12.09 -21.17 -7.46
CA ALA D 163 -12.59 -22.08 -6.43
C ALA D 163 -11.98 -23.48 -6.58
N ALA D 164 -10.91 -23.58 -7.37
CA ALA D 164 -10.26 -24.86 -7.62
C ALA D 164 -9.25 -25.25 -6.55
N ASP D 165 -9.21 -26.54 -6.25
CA ASP D 165 -8.25 -27.08 -5.27
C ASP D 165 -6.88 -27.14 -5.93
N PRO D 166 -5.89 -26.45 -5.36
CA PRO D 166 -4.52 -26.41 -5.89
C PRO D 166 -4.03 -27.80 -6.28
N GLN D 167 -4.02 -28.70 -5.30
CA GLN D 167 -3.60 -30.08 -5.50
C GLN D 167 -4.31 -30.74 -6.68
N ALA D 168 -5.62 -30.52 -6.79
CA ALA D 168 -6.38 -31.11 -7.89
C ALA D 168 -5.78 -30.69 -9.23
N LEU D 169 -5.56 -29.39 -9.39
CA LEU D 169 -4.97 -28.85 -10.62
C LEU D 169 -3.59 -29.45 -10.83
N LYS D 170 -2.81 -29.51 -9.76
CA LYS D 170 -1.46 -30.08 -9.82
C LYS D 170 -1.47 -31.51 -10.32
N ALA D 171 -2.40 -32.31 -9.80
CA ALA D 171 -2.53 -33.72 -10.18
C ALA D 171 -2.76 -33.90 -11.68
N LEU D 172 -3.05 -32.81 -12.39
CA LEU D 172 -3.27 -32.88 -13.82
C LEU D 172 -1.93 -32.87 -14.55
N GLY D 173 -0.87 -32.50 -13.83
CA GLY D 173 0.45 -32.47 -14.43
C GLY D 173 1.20 -31.15 -14.44
N MET D 174 1.29 -30.49 -13.29
CA MET D 174 2.00 -29.21 -13.21
C MET D 174 2.46 -28.99 -11.77
N PRO D 175 3.55 -28.22 -11.56
CA PRO D 175 4.03 -27.96 -10.21
C PRO D 175 2.93 -27.25 -9.44
N LEU D 176 2.99 -27.27 -8.12
CA LEU D 176 1.97 -26.60 -7.33
C LEU D 176 1.97 -25.08 -7.60
N LYS D 177 3.15 -24.49 -7.71
CA LYS D 177 3.30 -23.05 -7.99
C LYS D 177 2.45 -22.58 -9.18
N ARG D 178 2.40 -23.41 -10.22
CA ARG D 178 1.67 -23.08 -11.42
C ARG D 178 0.15 -23.22 -11.20
N ALA D 179 -0.23 -24.22 -10.40
CA ALA D 179 -1.65 -24.41 -10.11
C ALA D 179 -2.09 -23.18 -9.33
N GLU D 180 -1.17 -22.62 -8.54
CA GLU D 180 -1.47 -21.44 -7.74
C GLU D 180 -1.50 -20.18 -8.61
N ALA D 181 -0.71 -20.16 -9.68
CA ALA D 181 -0.68 -19.01 -10.57
C ALA D 181 -2.03 -18.93 -11.26
N LEU D 182 -2.57 -20.08 -11.63
CA LEU D 182 -3.86 -20.13 -12.31
C LEU D 182 -4.97 -19.66 -11.39
N ILE D 183 -4.92 -20.09 -10.13
CA ILE D 183 -5.93 -19.71 -9.16
C ILE D 183 -5.87 -18.20 -8.92
N HIS D 184 -4.67 -17.67 -8.75
CA HIS D 184 -4.54 -16.23 -8.54
C HIS D 184 -5.08 -15.45 -9.74
N LEU D 185 -4.67 -15.86 -10.94
CA LEU D 185 -5.11 -15.20 -12.15
C LEU D 185 -6.63 -15.16 -12.25
N ALA D 186 -7.29 -16.25 -11.87
CA ALA D 186 -8.74 -16.33 -11.95
C ALA D 186 -9.35 -15.30 -11.01
N ASN D 187 -8.75 -15.18 -9.82
CA ASN D 187 -9.22 -14.22 -8.83
C ASN D 187 -9.14 -12.82 -9.41
N ALA D 188 -7.97 -12.49 -9.95
CA ALA D 188 -7.70 -11.19 -10.54
C ALA D 188 -8.74 -10.90 -11.63
N ALA D 189 -9.07 -11.91 -12.43
CA ALA D 189 -10.06 -11.78 -13.49
C ALA D 189 -11.42 -11.47 -12.88
N LEU D 190 -11.73 -12.15 -11.78
CA LEU D 190 -12.99 -11.97 -11.08
C LEU D 190 -13.18 -10.56 -10.56
N GLU D 191 -12.15 -9.96 -10.00
CA GLU D 191 -12.35 -8.61 -9.49
C GLU D 191 -11.99 -7.47 -10.43
N GLY D 192 -11.67 -7.80 -11.68
CA GLY D 192 -11.34 -6.76 -12.65
C GLY D 192 -9.91 -6.27 -12.67
N THR D 193 -9.02 -6.96 -11.95
CA THR D 193 -7.61 -6.58 -11.89
C THR D 193 -6.82 -7.05 -13.12
N LEU D 194 -7.39 -7.97 -13.90
CA LEU D 194 -6.71 -8.43 -15.11
C LEU D 194 -7.30 -7.72 -16.30
N PRO D 195 -6.56 -6.78 -16.89
CA PRO D 195 -7.05 -6.04 -18.05
C PRO D 195 -7.50 -7.01 -19.15
N MET D 196 -8.78 -6.95 -19.51
CA MET D 196 -9.32 -7.83 -20.53
C MET D 196 -9.12 -7.28 -21.93
N THR D 197 -8.71 -6.02 -22.01
CA THR D 197 -8.45 -5.39 -23.30
C THR D 197 -7.16 -4.59 -23.25
N ILE D 198 -6.52 -4.37 -24.41
CA ILE D 198 -5.25 -3.66 -24.42
C ILE D 198 -5.36 -2.30 -23.76
N PRO D 199 -4.55 -2.09 -22.70
CA PRO D 199 -4.56 -0.83 -21.97
C PRO D 199 -3.74 0.23 -22.70
N GLY D 200 -3.93 1.49 -22.31
CA GLY D 200 -3.21 2.58 -22.92
C GLY D 200 -1.69 2.49 -22.74
N ASP D 201 -1.26 2.19 -21.53
CA ASP D 201 0.17 2.09 -21.26
C ASP D 201 0.54 0.59 -21.15
N VAL D 202 0.77 -0.02 -22.30
CA VAL D 202 1.08 -1.44 -22.35
C VAL D 202 2.18 -1.94 -21.41
N GLU D 203 3.26 -1.19 -21.19
CA GLU D 203 4.26 -1.74 -20.28
C GLU D 203 4.02 -1.45 -18.82
N GLN D 204 3.26 -0.41 -18.52
CA GLN D 204 2.95 -0.14 -17.12
C GLN D 204 2.10 -1.38 -16.75
N ALA D 205 1.17 -1.75 -17.62
CA ALA D 205 0.31 -2.89 -17.36
C ALA D 205 1.15 -4.16 -17.22
N MET D 206 2.09 -4.39 -18.15
CA MET D 206 2.93 -5.58 -18.08
C MET D 206 3.75 -5.64 -16.79
N LYS D 207 4.18 -4.49 -16.31
CA LYS D 207 4.96 -4.44 -15.07
C LYS D 207 4.07 -4.95 -13.93
N THR D 208 2.84 -4.48 -13.91
CA THR D 208 1.87 -4.88 -12.88
C THR D 208 1.57 -6.38 -12.95
N LEU D 209 1.54 -6.95 -14.15
CA LEU D 209 1.29 -8.38 -14.29
C LEU D 209 2.44 -9.16 -13.67
N GLN D 210 3.64 -8.61 -13.74
CA GLN D 210 4.80 -9.28 -13.19
C GLN D 210 4.80 -9.43 -11.67
N THR D 211 3.84 -8.83 -11.00
CA THR D 211 3.75 -8.96 -9.56
C THR D 211 2.96 -10.22 -9.26
N PHE D 212 2.11 -10.62 -10.20
CA PHE D 212 1.31 -11.83 -10.04
C PHE D 212 2.19 -13.05 -9.77
N PRO D 213 1.75 -13.95 -8.88
CA PRO D 213 2.55 -15.14 -8.59
C PRO D 213 2.52 -16.09 -9.78
N GLY D 214 3.71 -16.43 -10.29
CA GLY D 214 3.80 -17.33 -11.41
C GLY D 214 4.02 -16.61 -12.73
N ILE D 215 4.00 -15.28 -12.69
CA ILE D 215 4.18 -14.49 -13.90
C ILE D 215 5.45 -13.65 -13.90
N GLY D 216 6.37 -13.99 -14.79
CA GLY D 216 7.62 -13.26 -14.93
C GLY D 216 7.56 -12.45 -16.23
N ARG D 217 8.65 -11.84 -16.63
CA ARG D 217 8.64 -11.05 -17.84
C ARG D 217 8.22 -11.81 -19.10
N TRP D 218 8.76 -13.00 -19.32
CA TRP D 218 8.39 -13.73 -20.51
C TRP D 218 6.86 -13.92 -20.59
N THR D 219 6.25 -14.31 -19.48
CA THR D 219 4.80 -14.53 -19.48
C THR D 219 4.02 -13.24 -19.68
N ALA D 220 4.51 -12.14 -19.11
CA ALA D 220 3.84 -10.87 -19.26
C ALA D 220 3.88 -10.44 -20.74
N ASN D 221 5.07 -10.45 -21.31
CA ASN D 221 5.25 -10.07 -22.71
C ASN D 221 4.33 -10.90 -23.62
N TYR D 222 4.37 -12.22 -23.42
CA TYR D 222 3.58 -13.13 -24.23
C TYR D 222 2.09 -12.89 -24.01
N PHE D 223 1.71 -12.61 -22.75
CA PHE D 223 0.30 -12.35 -22.47
C PHE D 223 -0.17 -11.10 -23.19
N ALA D 224 0.65 -10.05 -23.14
CA ALA D 224 0.32 -8.79 -23.78
C ALA D 224 0.18 -8.97 -25.30
N LEU D 225 1.12 -9.74 -25.86
CA LEU D 225 1.14 -10.01 -27.29
C LEU D 225 -0.13 -10.72 -27.78
N ARG D 226 -0.49 -11.82 -27.14
CA ARG D 226 -1.67 -12.55 -27.57
C ARG D 226 -2.94 -12.17 -26.83
N GLY D 227 -2.83 -11.95 -25.52
CA GLY D 227 -3.99 -11.58 -24.73
C GLY D 227 -4.56 -10.21 -25.08
N TRP D 228 -3.66 -9.25 -25.32
CA TRP D 228 -4.08 -7.91 -25.67
C TRP D 228 -3.87 -7.60 -27.15
N GLN D 229 -3.16 -8.50 -27.86
CA GLN D 229 -2.84 -8.28 -29.26
C GLN D 229 -2.01 -7.01 -29.41
N ALA D 230 -1.16 -6.77 -28.41
CA ALA D 230 -0.24 -5.62 -28.39
C ALA D 230 0.67 -5.79 -29.60
N LYS D 231 0.71 -4.78 -30.48
CA LYS D 231 1.52 -4.85 -31.70
C LYS D 231 2.99 -4.47 -31.62
N ASP D 232 3.45 -3.97 -30.49
CA ASP D 232 4.86 -3.59 -30.42
C ASP D 232 5.65 -4.16 -29.24
N VAL D 233 5.49 -5.46 -28.98
CA VAL D 233 6.24 -6.08 -27.90
C VAL D 233 7.17 -7.18 -28.47
N PHE D 234 8.35 -7.32 -27.89
CA PHE D 234 9.28 -8.35 -28.34
C PHE D 234 9.51 -9.28 -27.13
N LEU D 235 9.96 -10.50 -27.39
CA LEU D 235 10.22 -11.47 -26.32
C LEU D 235 11.69 -11.86 -26.27
N PRO D 236 12.55 -10.95 -25.81
CA PRO D 236 14.00 -11.21 -25.72
C PRO D 236 14.42 -12.30 -24.73
N ASP D 237 13.46 -12.80 -23.94
CA ASP D 237 13.72 -13.84 -22.96
C ASP D 237 13.27 -15.19 -23.46
N ASP D 238 12.85 -15.23 -24.71
CA ASP D 238 12.35 -16.46 -25.29
C ASP D 238 13.44 -17.43 -25.72
N TYR D 239 13.27 -18.70 -25.32
CA TYR D 239 14.17 -19.81 -25.64
C TYR D 239 14.66 -19.73 -27.09
N LEU D 240 13.71 -19.80 -28.03
CA LEU D 240 14.02 -19.76 -29.45
C LEU D 240 14.62 -18.42 -29.85
N ILE D 241 14.09 -17.33 -29.29
CA ILE D 241 14.61 -16.02 -29.64
C ILE D 241 16.08 -15.94 -29.31
N LYS D 242 16.49 -16.49 -28.17
CA LYS D 242 17.90 -16.48 -27.77
C LYS D 242 18.74 -17.24 -28.81
N GLN D 243 18.17 -18.30 -29.37
CA GLN D 243 18.86 -19.10 -30.39
C GLN D 243 18.95 -18.37 -31.72
N ARG D 244 18.00 -17.46 -31.98
CA ARG D 244 17.97 -16.68 -33.21
C ARG D 244 19.01 -15.55 -33.16
N PHE D 245 19.34 -15.09 -31.95
CA PHE D 245 20.33 -14.02 -31.77
C PHE D 245 21.52 -14.62 -31.00
N PRO D 246 22.23 -15.60 -31.60
CA PRO D 246 23.38 -16.29 -30.99
C PRO D 246 24.25 -15.45 -30.06
N GLY D 247 24.42 -15.93 -28.83
CA GLY D 247 25.25 -15.26 -27.85
C GLY D 247 24.92 -13.83 -27.48
N MET D 248 23.66 -13.42 -27.69
CA MET D 248 23.27 -12.06 -27.33
C MET D 248 22.43 -12.09 -26.07
N THR D 249 22.65 -11.11 -25.20
CA THR D 249 21.89 -11.01 -23.97
C THR D 249 20.54 -10.34 -24.26
N PRO D 250 19.57 -10.52 -23.35
CA PRO D 250 18.25 -9.93 -23.50
C PRO D 250 18.30 -8.45 -23.91
N ALA D 251 19.12 -7.68 -23.20
CA ALA D 251 19.22 -6.25 -23.50
C ALA D 251 19.70 -5.98 -24.92
N GLN D 252 20.67 -6.76 -25.36
CA GLN D 252 21.21 -6.61 -26.71
C GLN D 252 20.14 -6.96 -27.73
N ILE D 253 19.39 -8.02 -27.47
CA ILE D 253 18.32 -8.43 -28.37
C ILE D 253 17.28 -7.30 -28.42
N ARG D 254 16.85 -6.83 -27.27
CA ARG D 254 15.88 -5.74 -27.17
C ARG D 254 16.35 -4.46 -27.85
N ARG D 255 17.64 -4.17 -27.74
CA ARG D 255 18.22 -2.99 -28.36
C ARG D 255 18.08 -3.14 -29.88
N TYR D 256 18.46 -4.31 -30.37
CA TYR D 256 18.40 -4.63 -31.78
C TYR D 256 16.98 -4.54 -32.34
N ALA D 257 16.05 -5.09 -31.59
CA ALA D 257 14.65 -5.13 -31.99
C ALA D 257 14.00 -3.77 -32.12
N GLU D 258 14.64 -2.73 -31.60
CA GLU D 258 14.06 -1.40 -31.68
C GLU D 258 13.91 -0.94 -33.13
N ARG D 259 14.69 -1.54 -34.02
CA ARG D 259 14.64 -1.17 -35.43
C ARG D 259 13.28 -1.51 -36.07
N TRP D 260 12.50 -2.37 -35.42
CA TRP D 260 11.21 -2.74 -35.98
C TRP D 260 10.03 -2.03 -35.36
N LYS D 261 10.32 -1.12 -34.43
CA LYS D 261 9.26 -0.36 -33.79
C LYS D 261 8.57 0.38 -34.92
N PRO D 262 7.25 0.58 -34.84
CA PRO D 262 6.31 0.22 -33.78
C PRO D 262 5.62 -1.13 -34.03
N TRP D 263 6.25 -2.01 -34.81
CA TRP D 263 5.64 -3.29 -35.10
C TRP D 263 6.47 -4.48 -34.63
N ARG D 264 7.10 -4.35 -33.47
CA ARG D 264 7.93 -5.42 -32.93
C ARG D 264 7.24 -6.77 -32.76
N SER D 265 5.93 -6.77 -32.50
CA SER D 265 5.21 -8.04 -32.35
C SER D 265 5.19 -8.82 -33.66
N TYR D 266 5.04 -8.11 -34.76
CA TYR D 266 5.05 -8.77 -36.07
C TYR D 266 6.47 -9.25 -36.34
N ALA D 267 7.46 -8.40 -36.06
CA ALA D 267 8.86 -8.77 -36.25
C ALA D 267 9.11 -10.07 -35.52
N LEU D 268 8.60 -10.15 -34.29
CA LEU D 268 8.76 -11.33 -33.45
C LEU D 268 8.19 -12.59 -34.12
N LEU D 269 7.00 -12.47 -34.70
CA LEU D 269 6.37 -13.61 -35.33
C LEU D 269 7.14 -14.09 -36.55
N HIS D 270 7.71 -13.15 -37.31
CA HIS D 270 8.47 -13.51 -38.50
C HIS D 270 9.78 -14.19 -38.11
N ILE D 271 10.45 -13.68 -37.09
CA ILE D 271 11.71 -14.24 -36.62
C ILE D 271 11.47 -15.63 -36.00
N TRP D 272 10.37 -15.79 -35.28
CA TRP D 272 10.04 -17.08 -34.68
C TRP D 272 9.84 -18.13 -35.77
N TYR D 273 9.15 -17.73 -36.83
CA TYR D 273 8.87 -18.65 -37.92
C TYR D 273 9.79 -18.54 -39.12
N THR D 274 11.07 -18.31 -38.84
CA THR D 274 12.06 -18.24 -39.88
C THR D 274 13.34 -18.93 -39.38
N GLU D 275 13.32 -20.26 -39.51
CA GLU D 275 14.43 -21.13 -39.11
C GLU D 275 15.73 -20.63 -39.72
N GLY D 276 16.78 -20.54 -38.94
CA GLY D 276 18.04 -20.08 -39.48
C GLY D 276 18.21 -18.58 -39.61
N TRP D 277 17.19 -17.82 -39.21
CA TRP D 277 17.31 -16.37 -39.30
C TRP D 277 18.45 -15.99 -38.37
N GLN D 278 19.13 -14.91 -38.70
CA GLN D 278 20.22 -14.42 -37.87
C GLN D 278 20.33 -12.94 -38.13
N PRO D 279 20.71 -12.17 -37.10
CA PRO D 279 20.86 -10.72 -37.20
C PRO D 279 22.00 -10.27 -38.09
N ASP D 280 21.90 -9.04 -38.59
CA ASP D 280 22.95 -8.48 -39.45
C ASP D 280 24.17 -8.10 -38.62
N GLU D 281 25.20 -7.62 -39.32
CA GLU D 281 26.44 -7.20 -38.68
C GLU D 281 26.24 -5.80 -38.09
N ALA D 282 24.98 -5.39 -37.98
CA ALA D 282 24.64 -4.08 -37.44
C ALA D 282 24.30 -4.20 -35.96
#